data_2IUT
#
_entry.id   2IUT
#
_cell.length_a   46.168
_cell.length_b   57.431
_cell.length_c   98.057
_cell.angle_alpha   94.57
_cell.angle_beta   93.80
_cell.angle_gamma   107.66
#
_symmetry.space_group_name_H-M   'P 1'
#
loop_
_entity.id
_entity.type
_entity.pdbx_description
1 polymer 'DNA TRANSLOCASE FTSK'
2 non-polymer 'PHOSPHOTHIOPHOSPHORIC ACID-ADENYLATE ESTER'
3 non-polymer 'MAGNESIUM ION'
4 water water
#
_entity_poly.entity_id   1
_entity_poly.type   'polypeptide(L)'
_entity_poly.pdbx_seq_one_letter_code
;MVPDRREQSKAKERLLEREEALAKHMSEREKRPPPKIDPPPSPKAPEPSKRVLKEKQAPLFVDTAVEGTLPPLSLLDPAE
VKQKSYSPESLEAMSRLLEIKLKEFGVEVSVDSVHPGPVITRFEIQPAAGVKVSRISNLAKDLARSLAVISVRVVEVIPG
KTTVGIEIPNEDRQMVRFSEVLSSPEYDEHKSTVPLALGHDIGGRPIITDLAKMPHLLVAGTTGSGKSVGVNAMLLSILF
KSTPSEARLIMIDPKMLELSIYEGIPHLLCPVVTDMKEAANALRWSVAEMERRYRLMAAMGVRNLAGFNRKVKDAEEAGT
PLTDPLFRRESPDDEPPQLSTLPTIVVVVDEFADMMMIVGKKVEELIARIAQKARAAGIHLILATQRPSVDVITGLIKAN
IPTRIAFQVSSKIDSRTILDQGGAEQLLGHGDMLYLPPGTGLPIRVHGAFVSDDEVHRVVEAWKLRGAPDYIEDILAGVD
EGGGGGGSFDGGDGSGEGSEDDPLYDEAVRFVTESRRASISAVQRKLKIGYNRAARMIEAMEMAGVVTPMNTNGSREVIA
PAPVRDKLHHHHHH
;
_entity_poly.pdbx_strand_id   A,B
#
# COMPACT_ATOMS: atom_id res chain seq x y z
N LEU A 70 19.28 6.58 26.47
CA LEU A 70 19.75 7.98 26.65
C LEU A 70 19.54 8.80 25.39
N PRO A 71 19.64 8.17 24.20
CA PRO A 71 19.43 8.96 22.98
C PRO A 71 18.03 9.57 22.94
N PRO A 72 17.93 10.88 22.63
CA PRO A 72 16.68 11.65 22.55
C PRO A 72 15.65 11.19 21.52
N LEU A 73 14.38 11.25 21.91
CA LEU A 73 13.30 10.88 21.01
C LEU A 73 13.25 11.85 19.83
N SER A 74 13.85 13.01 19.99
CA SER A 74 13.84 14.02 18.93
C SER A 74 14.62 13.58 17.70
N LEU A 75 15.30 12.43 17.79
CA LEU A 75 16.06 11.90 16.67
C LEU A 75 15.09 11.34 15.64
N LEU A 76 13.84 11.11 16.05
CA LEU A 76 12.80 10.56 15.20
C LEU A 76 12.09 11.58 14.33
N ASP A 77 11.36 11.09 13.33
CA ASP A 77 10.61 11.98 12.44
C ASP A 77 9.31 12.38 13.11
N PRO A 78 8.88 13.63 12.93
CA PRO A 78 7.65 14.19 13.51
C PRO A 78 6.41 13.45 13.03
N ALA A 79 5.35 13.53 13.82
CA ALA A 79 4.08 12.90 13.44
C ALA A 79 3.50 13.77 12.33
N GLU A 80 2.90 13.13 11.35
CA GLU A 80 2.32 13.86 10.23
C GLU A 80 0.89 14.31 10.54
N VAL A 81 0.46 15.39 9.90
CA VAL A 81 -0.90 15.91 10.10
C VAL A 81 -1.91 14.78 9.98
N LYS A 82 -3.10 14.98 10.53
CA LYS A 82 -4.12 13.93 10.48
C LYS A 82 -5.42 14.35 9.79
N GLN A 83 -5.34 15.24 8.81
CA GLN A 83 -6.55 15.67 8.10
C GLN A 83 -7.44 14.45 7.85
N LYS A 84 -8.39 14.26 8.76
CA LYS A 84 -9.31 13.12 8.71
C LYS A 84 -10.59 13.40 7.93
N SER A 85 -11.67 13.68 8.65
CA SER A 85 -12.98 13.97 8.08
C SER A 85 -13.60 12.76 7.38
N TYR A 86 -14.51 12.09 8.07
CA TYR A 86 -15.21 10.93 7.51
C TYR A 86 -16.71 11.15 7.71
N SER A 87 -17.22 12.21 7.09
CA SER A 87 -18.63 12.59 7.18
C SER A 87 -19.57 11.45 7.50
N PRO A 88 -20.47 11.65 8.49
CA PRO A 88 -21.43 10.61 8.87
C PRO A 88 -22.29 10.25 7.66
N GLU A 89 -22.19 11.11 6.64
CA GLU A 89 -22.93 10.93 5.39
C GLU A 89 -22.52 9.64 4.69
N SER A 90 -21.26 9.57 4.30
CA SER A 90 -20.73 8.40 3.62
C SER A 90 -20.79 7.16 4.51
N LEU A 91 -20.67 7.34 5.83
CA LEU A 91 -20.71 6.22 6.76
C LEU A 91 -22.08 5.55 6.81
N GLU A 92 -23.14 6.33 6.62
CA GLU A 92 -24.48 5.77 6.65
C GLU A 92 -24.72 5.01 5.35
N ALA A 93 -24.17 5.56 4.27
CA ALA A 93 -24.31 4.95 2.94
C ALA A 93 -23.62 3.59 2.89
N MET A 94 -22.41 3.53 3.44
CA MET A 94 -21.65 2.29 3.47
C MET A 94 -22.37 1.26 4.34
N SER A 95 -22.94 1.73 5.46
CA SER A 95 -23.67 0.84 6.36
C SER A 95 -24.81 0.26 5.55
N ARG A 96 -25.43 1.17 4.79
CA ARG A 96 -26.55 0.87 3.91
C ARG A 96 -26.13 -0.16 2.86
N LEU A 97 -25.01 0.09 2.18
CA LEU A 97 -24.50 -0.83 1.16
C LEU A 97 -24.18 -2.19 1.75
N LEU A 98 -23.56 -2.18 2.91
CA LEU A 98 -23.18 -3.41 3.61
C LEU A 98 -24.33 -4.38 3.76
N GLU A 99 -25.43 -3.91 4.33
CA GLU A 99 -26.61 -4.73 4.53
C GLU A 99 -27.12 -5.22 3.19
N ILE A 100 -27.16 -4.32 2.22
CA ILE A 100 -27.62 -4.66 0.87
C ILE A 100 -26.78 -5.76 0.25
N LYS A 101 -25.47 -5.53 0.19
CA LYS A 101 -24.54 -6.50 -0.38
C LYS A 101 -24.52 -7.85 0.34
N LEU A 102 -24.47 -7.84 1.67
CA LEU A 102 -24.47 -9.10 2.42
C LEU A 102 -25.75 -9.88 2.15
N LYS A 103 -26.85 -9.15 1.99
CA LYS A 103 -28.13 -9.78 1.70
C LYS A 103 -28.08 -10.57 0.38
N GLU A 104 -27.48 -9.98 -0.65
CA GLU A 104 -27.36 -10.65 -1.94
C GLU A 104 -26.66 -11.98 -1.75
N PHE A 105 -25.80 -12.07 -0.74
CA PHE A 105 -25.12 -13.32 -0.43
C PHE A 105 -26.07 -14.01 0.53
N GLY A 106 -25.69 -15.16 1.07
CA GLY A 106 -26.58 -15.85 1.98
C GLY A 106 -26.51 -15.36 3.43
N VAL A 107 -26.84 -14.09 3.67
CA VAL A 107 -26.80 -13.54 5.03
C VAL A 107 -27.63 -12.28 5.26
N GLU A 108 -28.50 -12.33 6.27
CA GLU A 108 -29.31 -11.17 6.63
C GLU A 108 -28.55 -10.44 7.74
N VAL A 109 -28.50 -9.13 7.67
CA VAL A 109 -27.75 -8.36 8.65
C VAL A 109 -28.20 -6.90 8.77
N SER A 110 -27.93 -6.30 9.92
CA SER A 110 -28.27 -4.91 10.18
C SER A 110 -27.14 -4.24 10.96
N VAL A 111 -26.71 -3.07 10.50
CA VAL A 111 -25.62 -2.34 11.15
C VAL A 111 -26.05 -1.73 12.49
N ASP A 112 -25.34 -2.10 13.56
CA ASP A 112 -25.63 -1.61 14.89
C ASP A 112 -24.89 -0.32 15.23
N SER A 113 -23.67 -0.15 14.72
CA SER A 113 -22.89 1.05 15.00
C SER A 113 -21.66 1.16 14.11
N VAL A 114 -21.04 2.33 14.12
CA VAL A 114 -19.86 2.59 13.28
C VAL A 114 -18.78 3.26 14.09
N HIS A 115 -17.54 2.81 13.92
CA HIS A 115 -16.43 3.37 14.66
C HIS A 115 -15.27 3.72 13.73
N PRO A 116 -15.20 4.98 13.31
CA PRO A 116 -14.13 5.43 12.43
C PRO A 116 -12.78 5.48 13.13
N GLY A 117 -11.74 5.02 12.47
CA GLY A 117 -10.42 5.04 13.07
C GLY A 117 -9.37 5.64 12.14
N PRO A 118 -8.10 5.64 12.54
CA PRO A 118 -6.98 6.19 11.75
C PRO A 118 -6.72 5.46 10.43
N VAL A 119 -6.90 4.14 10.44
CA VAL A 119 -6.65 3.34 9.26
C VAL A 119 -7.90 2.67 8.72
N ILE A 120 -8.73 2.15 9.62
CA ILE A 120 -9.96 1.49 9.21
C ILE A 120 -11.18 2.03 9.95
N THR A 121 -12.35 1.60 9.51
CA THR A 121 -13.61 1.95 10.12
C THR A 121 -14.26 0.60 10.33
N ARG A 122 -14.77 0.40 11.55
CA ARG A 122 -15.42 -0.84 11.91
C ARG A 122 -16.91 -0.63 11.93
N PHE A 123 -17.63 -1.49 11.22
CA PHE A 123 -19.08 -1.44 11.17
C PHE A 123 -19.57 -2.68 11.92
N GLU A 124 -20.09 -2.48 13.12
CA GLU A 124 -20.60 -3.60 13.89
C GLU A 124 -21.94 -3.97 13.31
N ILE A 125 -22.15 -5.26 13.08
CA ILE A 125 -23.41 -5.74 12.51
C ILE A 125 -24.01 -6.84 13.37
N GLN A 126 -25.33 -7.00 13.29
CA GLN A 126 -26.05 -8.03 14.04
C GLN A 126 -26.67 -9.07 13.12
N PRO A 127 -26.01 -10.20 12.94
CA PRO A 127 -26.55 -11.25 12.07
C PRO A 127 -27.88 -11.79 12.58
N ALA A 128 -28.70 -12.30 11.67
CA ALA A 128 -29.99 -12.88 12.04
C ALA A 128 -29.63 -14.21 12.72
N ALA A 129 -30.49 -14.70 13.59
CA ALA A 129 -30.21 -15.96 14.27
C ALA A 129 -29.98 -17.06 13.22
N GLY A 130 -29.18 -18.05 13.58
CA GLY A 130 -28.91 -19.15 12.66
C GLY A 130 -27.69 -19.02 11.77
N VAL A 131 -27.60 -17.93 11.01
CA VAL A 131 -26.47 -17.70 10.11
C VAL A 131 -25.12 -17.89 10.80
N LYS A 132 -24.27 -18.72 10.21
CA LYS A 132 -22.94 -18.99 10.76
C LYS A 132 -21.96 -17.86 10.46
N VAL A 133 -21.41 -17.28 11.52
CA VAL A 133 -20.47 -16.18 11.37
C VAL A 133 -19.28 -16.59 10.51
N SER A 134 -18.97 -17.89 10.47
CA SER A 134 -17.85 -18.36 9.67
C SER A 134 -18.19 -18.12 8.21
N ARG A 135 -19.48 -18.11 7.91
CA ARG A 135 -19.99 -17.91 6.57
C ARG A 135 -19.66 -16.51 6.09
N ILE A 136 -19.74 -15.55 7.00
CA ILE A 136 -19.43 -14.16 6.66
C ILE A 136 -17.91 -14.03 6.43
N SER A 137 -17.14 -14.72 7.26
CA SER A 137 -15.69 -14.68 7.15
C SER A 137 -15.20 -15.13 5.78
N ASN A 138 -15.80 -16.21 5.26
CA ASN A 138 -15.41 -16.76 3.97
C ASN A 138 -15.85 -15.90 2.78
N LEU A 139 -16.77 -14.98 3.04
CA LEU A 139 -17.29 -14.07 2.02
C LEU A 139 -16.47 -12.78 1.92
N ALA A 140 -15.47 -12.62 2.78
CA ALA A 140 -14.65 -11.40 2.77
C ALA A 140 -14.23 -10.96 1.37
N LYS A 141 -13.56 -11.83 0.63
CA LYS A 141 -13.13 -11.49 -0.72
C LYS A 141 -14.29 -11.00 -1.57
N ASP A 142 -15.34 -11.82 -1.67
CA ASP A 142 -16.52 -11.49 -2.47
C ASP A 142 -17.24 -10.23 -2.01
N LEU A 143 -17.28 -10.00 -0.70
CA LEU A 143 -17.95 -8.81 -0.17
C LEU A 143 -17.18 -7.54 -0.54
N ALA A 144 -15.86 -7.59 -0.37
CA ALA A 144 -15.00 -6.45 -0.69
C ALA A 144 -15.24 -6.11 -2.17
N ARG A 145 -15.27 -7.14 -2.99
CA ARG A 145 -15.50 -6.96 -4.42
C ARG A 145 -16.84 -6.26 -4.64
N SER A 146 -17.92 -6.86 -4.13
CA SER A 146 -19.25 -6.28 -4.31
C SER A 146 -19.38 -4.88 -3.74
N LEU A 147 -18.42 -4.46 -2.92
CA LEU A 147 -18.46 -3.12 -2.33
C LEU A 147 -17.50 -2.19 -3.03
N ALA A 148 -16.68 -2.76 -3.90
CA ALA A 148 -15.65 -2.05 -4.67
C ALA A 148 -14.60 -1.46 -3.76
N VAL A 149 -14.33 -2.12 -2.63
CA VAL A 149 -13.28 -1.65 -1.72
C VAL A 149 -12.15 -2.65 -1.84
N ILE A 150 -10.95 -2.20 -1.46
CA ILE A 150 -9.75 -2.99 -1.56
C ILE A 150 -9.67 -4.23 -0.66
N SER A 151 -10.15 -4.12 0.57
CA SER A 151 -10.13 -5.23 1.54
C SER A 151 -11.22 -5.09 2.57
N VAL A 152 -11.53 -6.23 3.20
CA VAL A 152 -12.52 -6.28 4.25
C VAL A 152 -12.03 -7.31 5.28
N ARG A 153 -12.06 -6.95 6.56
CA ARG A 153 -11.67 -7.89 7.60
C ARG A 153 -12.92 -8.24 8.40
N VAL A 154 -13.20 -9.52 8.52
CA VAL A 154 -14.37 -9.93 9.28
C VAL A 154 -13.94 -10.32 10.68
N VAL A 155 -14.48 -9.62 11.69
CA VAL A 155 -14.18 -9.90 13.09
C VAL A 155 -15.35 -10.76 13.60
N GLU A 156 -15.13 -12.06 13.74
CA GLU A 156 -16.19 -12.97 14.17
C GLU A 156 -16.80 -12.67 15.54
N VAL A 157 -16.01 -12.23 16.50
CA VAL A 157 -16.57 -11.90 17.81
C VAL A 157 -15.92 -10.64 18.40
N ILE A 158 -16.76 -9.75 18.89
CA ILE A 158 -16.34 -8.50 19.48
C ILE A 158 -16.49 -8.55 20.99
N PRO A 159 -15.37 -8.75 21.70
CA PRO A 159 -15.40 -8.83 23.17
C PRO A 159 -16.48 -7.98 23.83
N GLY A 160 -17.27 -8.63 24.67
CA GLY A 160 -18.33 -7.95 25.39
C GLY A 160 -19.59 -7.64 24.61
N LYS A 161 -19.71 -8.16 23.39
CA LYS A 161 -20.90 -7.90 22.57
C LYS A 161 -21.32 -9.09 21.73
N THR A 162 -22.53 -8.99 21.17
CA THR A 162 -23.06 -10.09 20.35
C THR A 162 -22.87 -9.80 18.86
N THR A 163 -22.30 -8.63 18.57
CA THR A 163 -22.07 -8.21 17.19
C THR A 163 -20.84 -8.75 16.48
N VAL A 164 -20.89 -8.70 15.16
CA VAL A 164 -19.80 -9.15 14.32
C VAL A 164 -19.19 -7.88 13.74
N GLY A 165 -17.87 -7.88 13.58
CA GLY A 165 -17.23 -6.72 13.01
C GLY A 165 -16.93 -6.88 11.52
N ILE A 166 -17.07 -5.79 10.78
CA ILE A 166 -16.74 -5.75 9.35
C ILE A 166 -15.85 -4.53 9.29
N GLU A 167 -14.56 -4.72 9.10
CA GLU A 167 -13.67 -3.57 9.07
C GLU A 167 -13.26 -3.21 7.63
N ILE A 168 -13.42 -1.93 7.30
CA ILE A 168 -13.13 -1.42 5.97
C ILE A 168 -12.07 -0.33 5.96
N PRO A 169 -11.03 -0.49 5.13
CA PRO A 169 -9.92 0.47 5.00
C PRO A 169 -10.40 1.86 4.59
N ASN A 170 -9.85 2.89 5.22
CA ASN A 170 -10.22 4.28 4.90
C ASN A 170 -9.49 4.67 3.62
N GLU A 171 -10.13 5.49 2.80
CA GLU A 171 -9.53 5.93 1.54
C GLU A 171 -8.14 6.52 1.76
N ASP A 172 -8.06 7.49 2.67
CA ASP A 172 -6.77 8.11 2.98
C ASP A 172 -6.34 7.74 4.39
N ARG A 173 -5.67 6.60 4.51
CA ARG A 173 -5.19 6.12 5.80
C ARG A 173 -4.03 6.98 6.27
N GLN A 174 -4.05 7.39 7.53
CA GLN A 174 -2.95 8.19 8.04
C GLN A 174 -1.94 7.24 8.64
N MET A 175 -0.68 7.41 8.28
CA MET A 175 0.40 6.57 8.77
C MET A 175 0.56 6.78 10.27
N VAL A 176 1.04 5.75 10.97
CA VAL A 176 1.24 5.86 12.41
C VAL A 176 2.75 5.94 12.64
N ARG A 177 3.23 7.12 13.03
CA ARG A 177 4.64 7.31 13.26
C ARG A 177 5.13 6.90 14.63
N PHE A 178 6.32 6.29 14.63
CA PHE A 178 6.96 5.80 15.83
C PHE A 178 7.01 6.86 16.92
N SER A 179 7.46 8.05 16.55
CA SER A 179 7.59 9.14 17.51
C SER A 179 6.27 9.39 18.23
N GLU A 180 5.18 9.12 17.51
CA GLU A 180 3.83 9.31 18.03
C GLU A 180 3.49 8.27 19.10
N VAL A 181 3.85 7.02 18.83
CA VAL A 181 3.58 5.95 19.77
C VAL A 181 4.45 6.07 21.03
N LEU A 182 5.74 6.34 20.84
CA LEU A 182 6.68 6.47 21.95
C LEU A 182 6.46 7.73 22.78
N SER A 183 5.77 8.71 22.22
CA SER A 183 5.52 9.94 22.95
C SER A 183 4.33 9.77 23.88
N SER A 184 3.77 8.57 23.91
CA SER A 184 2.63 8.29 24.77
C SER A 184 3.10 8.00 26.18
N PRO A 185 2.28 8.35 27.18
CA PRO A 185 2.68 8.10 28.57
C PRO A 185 2.87 6.61 28.84
N GLU A 186 2.05 5.77 28.21
CA GLU A 186 2.14 4.32 28.38
C GLU A 186 3.59 3.87 28.18
N TYR A 187 4.27 4.50 27.23
CA TYR A 187 5.67 4.18 26.95
C TYR A 187 6.64 4.98 27.81
N ASP A 188 6.47 6.29 27.83
CA ASP A 188 7.35 7.17 28.58
C ASP A 188 7.46 6.78 30.04
N GLU A 189 6.41 6.17 30.57
CA GLU A 189 6.40 5.76 31.96
C GLU A 189 6.42 4.25 32.17
N HIS A 190 6.75 3.51 31.12
CA HIS A 190 6.80 2.06 31.24
C HIS A 190 8.02 1.71 32.07
N LYS A 191 7.88 0.73 32.96
CA LYS A 191 8.99 0.35 33.82
C LYS A 191 9.83 -0.82 33.30
N SER A 192 9.24 -1.67 32.46
CA SER A 192 9.97 -2.80 31.91
C SER A 192 11.24 -2.36 31.21
N THR A 193 12.21 -3.26 31.13
CA THR A 193 13.48 -2.97 30.46
C THR A 193 13.29 -3.19 28.97
N VAL A 194 12.31 -4.01 28.62
CA VAL A 194 12.04 -4.34 27.22
C VAL A 194 10.60 -4.16 26.80
N PRO A 195 10.12 -2.91 26.81
CA PRO A 195 8.74 -2.69 26.40
C PRO A 195 8.79 -2.73 24.87
N LEU A 196 7.66 -2.97 24.23
CA LEU A 196 7.66 -2.98 22.78
C LEU A 196 6.46 -2.16 22.35
N ALA A 197 6.71 -0.99 21.76
CA ALA A 197 5.63 -0.13 21.30
C ALA A 197 5.22 -0.60 19.91
N LEU A 198 4.14 -1.38 19.83
CA LEU A 198 3.65 -1.93 18.56
C LEU A 198 3.03 -0.96 17.55
N GLY A 199 2.18 -0.06 18.04
CA GLY A 199 1.52 0.90 17.16
C GLY A 199 0.22 1.38 17.78
N HIS A 200 -0.78 1.64 16.95
CA HIS A 200 -2.08 2.12 17.42
C HIS A 200 -3.15 1.06 17.15
N ASP A 201 -4.15 0.96 18.03
CA ASP A 201 -5.23 0.02 17.79
C ASP A 201 -6.22 0.67 16.81
N ILE A 202 -7.30 -0.02 16.46
CA ILE A 202 -8.24 0.53 15.49
C ILE A 202 -8.89 1.85 15.85
N GLY A 203 -8.83 2.22 17.12
CA GLY A 203 -9.40 3.48 17.57
C GLY A 203 -8.31 4.52 17.69
N GLY A 204 -7.08 4.11 17.37
CA GLY A 204 -5.95 5.01 17.41
C GLY A 204 -5.27 5.16 18.77
N ARG A 205 -5.53 4.24 19.68
CA ARG A 205 -4.94 4.30 21.02
C ARG A 205 -3.59 3.57 21.00
N PRO A 206 -2.60 4.09 21.71
CA PRO A 206 -1.28 3.45 21.73
C PRO A 206 -1.35 2.05 22.36
N ILE A 207 -0.63 1.12 21.75
CA ILE A 207 -0.59 -0.25 22.26
C ILE A 207 0.86 -0.54 22.63
N ILE A 208 1.18 -0.43 23.91
CA ILE A 208 2.53 -0.69 24.36
C ILE A 208 2.51 -2.02 25.11
N THR A 209 3.42 -2.91 24.75
CA THR A 209 3.49 -4.20 25.39
C THR A 209 4.79 -4.36 26.17
N ASP A 210 4.91 -5.52 26.81
CA ASP A 210 6.08 -5.84 27.60
C ASP A 210 6.56 -7.23 27.24
N LEU A 211 7.69 -7.29 26.52
CA LEU A 211 8.26 -8.56 26.08
C LEU A 211 8.52 -9.50 27.25
N ALA A 212 8.86 -8.93 28.41
CA ALA A 212 9.17 -9.74 29.56
C ALA A 212 8.00 -10.59 30.04
N LYS A 213 6.76 -10.11 29.81
CA LYS A 213 5.56 -10.84 30.23
C LYS A 213 4.99 -11.72 29.11
N MET A 214 5.52 -11.61 27.89
CA MET A 214 4.99 -12.40 26.79
C MET A 214 5.12 -13.92 26.93
N PRO A 215 6.30 -14.44 27.31
CA PRO A 215 7.57 -13.78 27.63
C PRO A 215 8.47 -13.97 26.41
N HIS A 216 7.91 -14.62 25.40
CA HIS A 216 8.58 -14.86 24.14
C HIS A 216 7.58 -14.51 23.04
N LEU A 217 8.10 -14.11 21.89
CA LEU A 217 7.26 -13.69 20.79
C LEU A 217 7.61 -14.32 19.44
N LEU A 218 6.57 -14.78 18.74
CA LEU A 218 6.69 -15.39 17.41
C LEU A 218 6.10 -14.37 16.45
N VAL A 219 6.78 -14.09 15.34
CA VAL A 219 6.28 -13.11 14.38
C VAL A 219 6.34 -13.58 12.92
N ALA A 220 5.22 -13.46 12.23
CA ALA A 220 5.14 -13.88 10.83
C ALA A 220 4.46 -12.83 9.96
N GLY A 221 4.67 -12.96 8.66
CA GLY A 221 4.10 -12.05 7.68
C GLY A 221 4.88 -12.18 6.39
N THR A 222 4.22 -12.08 5.24
CA THR A 222 4.88 -12.19 3.94
C THR A 222 5.51 -10.86 3.51
N THR A 223 6.17 -10.85 2.35
CA THR A 223 6.85 -9.67 1.85
C THR A 223 5.95 -8.45 1.73
N GLY A 224 6.48 -7.30 2.15
CA GLY A 224 5.72 -6.07 2.08
C GLY A 224 4.65 -5.96 3.16
N SER A 225 4.65 -6.89 4.11
CA SER A 225 3.66 -6.87 5.19
C SER A 225 4.04 -5.90 6.31
N GLY A 226 5.34 -5.74 6.54
CA GLY A 226 5.78 -4.83 7.59
C GLY A 226 6.46 -5.56 8.73
N LYS A 227 6.86 -6.79 8.46
CA LYS A 227 7.56 -7.60 9.45
C LYS A 227 8.85 -6.93 9.91
N SER A 228 9.73 -6.61 8.97
CA SER A 228 11.00 -5.99 9.31
C SER A 228 10.87 -4.61 9.94
N VAL A 229 9.86 -3.85 9.53
CA VAL A 229 9.64 -2.53 10.14
C VAL A 229 9.18 -2.78 11.59
N GLY A 230 8.28 -3.75 11.76
CA GLY A 230 7.80 -4.08 13.09
C GLY A 230 8.97 -4.55 13.94
N VAL A 231 9.85 -5.38 13.40
CA VAL A 231 11.01 -5.84 14.16
C VAL A 231 11.89 -4.66 14.58
N ASN A 232 12.08 -3.68 13.67
CA ASN A 232 12.90 -2.51 14.02
C ASN A 232 12.23 -1.66 15.10
N ALA A 233 10.91 -1.53 15.03
CA ALA A 233 10.19 -0.74 16.01
C ALA A 233 10.36 -1.33 17.40
N MET A 234 10.42 -2.65 17.46
CA MET A 234 10.59 -3.34 18.73
C MET A 234 12.01 -3.15 19.26
N LEU A 235 13.00 -3.20 18.37
CA LEU A 235 14.37 -3.03 18.80
C LEU A 235 14.58 -1.59 19.26
N LEU A 236 13.96 -0.65 18.56
CA LEU A 236 14.10 0.74 18.95
C LEU A 236 13.30 1.07 20.21
N SER A 237 12.27 0.27 20.51
CA SER A 237 11.50 0.52 21.73
C SER A 237 12.44 0.31 22.89
N ILE A 238 13.23 -0.76 22.78
CA ILE A 238 14.19 -1.13 23.80
C ILE A 238 15.39 -0.17 23.85
N LEU A 239 15.88 0.22 22.68
CA LEU A 239 17.03 1.11 22.61
C LEU A 239 16.75 2.51 23.13
N PHE A 240 15.47 2.88 23.21
CA PHE A 240 15.10 4.20 23.69
C PHE A 240 14.79 4.22 25.19
N LYS A 241 14.71 3.03 25.79
CA LYS A 241 14.42 2.99 27.21
C LYS A 241 15.52 2.32 28.03
N SER A 242 16.28 1.43 27.42
CA SER A 242 17.32 0.73 28.15
C SER A 242 18.76 0.92 27.68
N THR A 243 19.64 1.06 28.65
CA THR A 243 21.07 1.24 28.42
C THR A 243 21.65 -0.17 28.35
N PRO A 244 22.90 -0.32 27.86
CA PRO A 244 23.53 -1.64 27.76
C PRO A 244 23.66 -2.42 29.08
N SER A 245 23.62 -1.73 30.22
CA SER A 245 23.71 -2.43 31.49
C SER A 245 22.34 -2.96 31.89
N GLU A 246 21.29 -2.51 31.20
CA GLU A 246 19.92 -2.95 31.47
C GLU A 246 19.42 -3.95 30.42
N ALA A 247 19.95 -3.86 29.21
CA ALA A 247 19.54 -4.77 28.14
C ALA A 247 20.63 -5.03 27.12
N ARG A 248 20.77 -6.30 26.74
CA ARG A 248 21.75 -6.75 25.78
C ARG A 248 21.02 -7.59 24.74
N LEU A 249 21.52 -7.59 23.52
CA LEU A 249 20.88 -8.31 22.43
C LEU A 249 21.79 -9.19 21.60
N ILE A 250 21.19 -10.20 21.00
CA ILE A 250 21.86 -11.12 20.09
C ILE A 250 20.94 -11.07 18.87
N MET A 251 21.47 -10.61 17.74
CA MET A 251 20.69 -10.50 16.52
C MET A 251 21.11 -11.54 15.49
N ILE A 252 20.14 -12.25 14.92
CA ILE A 252 20.42 -13.27 13.93
C ILE A 252 19.73 -12.88 12.63
N ASP A 253 20.53 -12.71 11.58
CA ASP A 253 20.01 -12.30 10.28
C ASP A 253 20.76 -13.02 9.15
N PRO A 254 20.33 -14.23 8.79
CA PRO A 254 20.97 -15.02 7.73
C PRO A 254 21.39 -14.20 6.49
N LYS A 255 20.49 -13.36 5.98
CA LYS A 255 20.81 -12.50 4.85
C LYS A 255 21.49 -11.30 5.49
N MET A 256 22.06 -10.40 4.70
CA MET A 256 22.74 -9.26 5.30
C MET A 256 21.79 -8.13 5.70
N LEU A 257 21.06 -7.65 4.70
CA LEU A 257 20.11 -6.55 4.78
C LEU A 257 19.48 -6.07 6.10
N GLU A 258 18.21 -6.40 6.28
CA GLU A 258 17.40 -5.97 7.42
C GLU A 258 18.01 -5.58 8.78
N LEU A 259 18.84 -6.42 9.38
CA LEU A 259 19.40 -6.06 10.69
C LEU A 259 20.87 -5.64 10.70
N SER A 260 21.53 -5.71 9.55
CA SER A 260 22.94 -5.36 9.43
C SER A 260 23.30 -3.99 10.00
N ILE A 261 22.35 -3.07 9.95
CA ILE A 261 22.60 -1.72 10.43
C ILE A 261 22.85 -1.54 11.94
N TYR A 262 22.35 -2.45 12.78
CA TYR A 262 22.58 -2.28 14.23
C TYR A 262 24.02 -2.58 14.63
N GLU A 263 24.80 -3.11 13.69
CA GLU A 263 26.20 -3.46 13.95
C GLU A 263 26.96 -2.37 14.71
N GLY A 264 27.56 -2.74 15.83
CA GLY A 264 28.34 -1.78 16.58
C GLY A 264 27.73 -1.19 17.83
N ILE A 265 26.41 -1.15 17.94
CA ILE A 265 25.79 -0.58 19.14
C ILE A 265 26.30 -1.37 20.36
N PRO A 266 26.46 -0.69 21.50
CA PRO A 266 26.95 -1.37 22.71
C PRO A 266 26.06 -2.47 23.28
N HIS A 267 24.77 -2.45 22.96
CA HIS A 267 23.86 -3.47 23.46
C HIS A 267 24.16 -4.88 22.96
N LEU A 268 24.77 -4.98 21.79
CA LEU A 268 25.08 -6.27 21.17
C LEU A 268 26.06 -7.16 21.95
N LEU A 269 25.74 -8.46 22.02
CA LEU A 269 26.56 -9.46 22.71
C LEU A 269 27.56 -10.11 21.76
N CYS A 270 27.29 -9.98 20.47
CA CYS A 270 28.16 -10.52 19.43
C CYS A 270 27.76 -9.79 18.15
N PRO A 271 28.57 -9.88 17.09
CA PRO A 271 28.20 -9.19 15.85
C PRO A 271 26.89 -9.79 15.32
N VAL A 272 26.29 -9.13 14.32
CA VAL A 272 25.05 -9.66 13.75
C VAL A 272 25.39 -11.02 13.16
N VAL A 273 24.71 -12.05 13.63
CA VAL A 273 24.96 -13.41 13.17
C VAL A 273 24.39 -13.71 11.79
N THR A 274 25.27 -14.15 10.89
CA THR A 274 24.87 -14.49 9.53
C THR A 274 24.95 -15.99 9.30
N ASP A 275 25.94 -16.65 9.89
CA ASP A 275 26.12 -18.08 9.74
C ASP A 275 25.12 -18.86 10.60
N MET A 276 24.45 -19.84 10.00
CA MET A 276 23.47 -20.63 10.73
C MET A 276 24.06 -21.45 11.86
N LYS A 277 25.25 -22.01 11.66
CA LYS A 277 25.89 -22.82 12.70
C LYS A 277 26.20 -21.95 13.91
N GLU A 278 26.65 -20.72 13.68
CA GLU A 278 26.95 -19.81 14.76
C GLU A 278 25.65 -19.43 15.45
N ALA A 279 24.58 -19.34 14.67
CA ALA A 279 23.26 -19.01 15.19
C ALA A 279 22.94 -20.11 16.21
N ALA A 280 23.20 -21.35 15.81
CA ALA A 280 22.95 -22.49 16.69
C ALA A 280 23.77 -22.35 17.97
N ASN A 281 25.03 -21.94 17.85
CA ASN A 281 25.89 -21.77 19.02
C ASN A 281 25.35 -20.67 19.92
N ALA A 282 24.84 -19.61 19.31
CA ALA A 282 24.29 -18.49 20.04
C ALA A 282 23.13 -18.94 20.92
N LEU A 283 22.35 -19.90 20.44
CA LEU A 283 21.23 -20.41 21.21
C LEU A 283 21.73 -21.29 22.35
N ARG A 284 22.80 -22.05 22.09
CA ARG A 284 23.38 -22.92 23.10
C ARG A 284 23.96 -22.06 24.21
N TRP A 285 24.63 -20.97 23.83
CA TRP A 285 25.19 -20.05 24.80
C TRP A 285 24.04 -19.53 25.65
N SER A 286 22.94 -19.17 25.00
CA SER A 286 21.78 -18.65 25.70
C SER A 286 21.29 -19.64 26.76
N VAL A 287 21.19 -20.91 26.38
CA VAL A 287 20.76 -21.93 27.31
C VAL A 287 21.74 -21.96 28.49
N ALA A 288 23.03 -22.01 28.18
CA ALA A 288 24.05 -22.05 29.22
C ALA A 288 23.92 -20.85 30.16
N GLU A 289 23.79 -19.66 29.60
CA GLU A 289 23.66 -18.45 30.40
C GLU A 289 22.40 -18.50 31.25
N MET A 290 21.36 -19.14 30.72
CA MET A 290 20.10 -19.26 31.44
C MET A 290 20.29 -20.15 32.69
N GLU A 291 20.95 -21.28 32.50
CA GLU A 291 21.18 -22.20 33.61
C GLU A 291 22.16 -21.57 34.59
N ARG A 292 23.09 -20.78 34.06
CA ARG A 292 24.06 -20.11 34.91
C ARG A 292 23.33 -19.10 35.81
N ARG A 293 22.30 -18.45 35.26
CA ARG A 293 21.54 -17.46 36.01
C ARG A 293 20.65 -18.16 37.04
N TYR A 294 20.25 -19.38 36.74
CA TYR A 294 19.43 -20.13 37.66
C TYR A 294 20.24 -20.58 38.87
N ARG A 295 21.49 -21.00 38.66
CA ARG A 295 22.32 -21.40 39.79
C ARG A 295 22.55 -20.16 40.64
N LEU A 296 22.77 -19.03 40.00
CA LEU A 296 22.99 -17.78 40.72
C LEU A 296 21.78 -17.40 41.55
N MET A 297 20.60 -17.44 40.95
CA MET A 297 19.37 -17.06 41.66
C MET A 297 19.10 -18.02 42.79
N ALA A 298 19.44 -19.29 42.61
CA ALA A 298 19.22 -20.28 43.64
C ALA A 298 20.14 -19.93 44.81
N ALA A 299 21.43 -19.83 44.54
CA ALA A 299 22.42 -19.50 45.56
C ALA A 299 22.08 -18.21 46.30
N MET A 300 21.37 -17.32 45.62
CA MET A 300 21.00 -16.04 46.19
C MET A 300 19.64 -16.06 46.88
N GLY A 301 18.90 -17.14 46.70
CA GLY A 301 17.59 -17.24 47.31
C GLY A 301 16.58 -16.31 46.66
N VAL A 302 16.68 -16.17 45.34
CA VAL A 302 15.76 -15.31 44.59
C VAL A 302 15.00 -16.16 43.57
N ARG A 303 13.81 -15.70 43.18
CA ARG A 303 12.99 -16.45 42.23
C ARG A 303 13.14 -15.98 40.79
N ASN A 304 13.64 -14.76 40.59
CA ASN A 304 13.81 -14.24 39.24
C ASN A 304 14.80 -13.09 39.12
N LEU A 305 15.04 -12.69 37.88
CA LEU A 305 15.97 -11.63 37.55
C LEU A 305 15.71 -10.31 38.29
N ALA A 306 14.45 -9.92 38.39
CA ALA A 306 14.10 -8.67 39.08
C ALA A 306 14.54 -8.77 40.54
N GLY A 307 14.27 -9.92 41.15
CA GLY A 307 14.64 -10.16 42.54
C GLY A 307 16.16 -10.15 42.70
N PHE A 308 16.86 -10.83 41.80
CA PHE A 308 18.32 -10.89 41.85
C PHE A 308 18.89 -9.48 41.85
N ASN A 309 18.45 -8.68 40.87
CA ASN A 309 18.91 -7.30 40.72
C ASN A 309 18.54 -6.42 41.93
N ARG A 310 17.49 -6.78 42.65
CA ARG A 310 17.08 -6.02 43.84
C ARG A 310 18.10 -6.28 44.92
N LYS A 311 18.37 -7.56 45.16
CA LYS A 311 19.32 -7.98 46.16
C LYS A 311 20.67 -7.28 45.95
N VAL A 312 21.23 -7.41 44.75
CA VAL A 312 22.52 -6.80 44.45
C VAL A 312 22.49 -5.28 44.61
N LYS A 313 21.35 -4.67 44.30
CA LYS A 313 21.23 -3.22 44.39
C LYS A 313 21.12 -2.76 45.85
N ASP A 314 20.40 -3.52 46.67
CA ASP A 314 20.25 -3.16 48.08
C ASP A 314 21.62 -3.27 48.77
N ALA A 315 22.31 -4.37 48.54
CA ALA A 315 23.62 -4.59 49.15
C ALA A 315 24.57 -3.43 48.85
N GLU A 316 24.55 -2.93 47.62
CA GLU A 316 25.42 -1.81 47.25
C GLU A 316 25.00 -0.56 48.01
N GLU A 317 23.73 -0.21 47.94
CA GLU A 317 23.22 0.98 48.62
C GLU A 317 23.47 0.89 50.12
N ALA A 318 23.71 -0.33 50.60
CA ALA A 318 23.97 -0.54 52.02
C ALA A 318 25.47 -0.53 52.30
N GLY A 319 26.24 -0.16 51.29
CA GLY A 319 27.69 -0.13 51.44
C GLY A 319 28.30 -1.51 51.59
N THR A 320 27.55 -2.54 51.18
CA THR A 320 28.02 -3.91 51.28
C THR A 320 27.72 -4.71 50.01
N PRO A 321 28.53 -4.51 48.95
CA PRO A 321 28.33 -5.22 47.69
C PRO A 321 28.48 -6.73 47.82
N LEU A 322 27.57 -7.45 47.17
CA LEU A 322 27.56 -8.91 47.19
C LEU A 322 28.69 -9.48 46.36
N THR A 323 29.11 -10.70 46.72
CA THR A 323 30.17 -11.41 46.01
C THR A 323 29.56 -12.63 45.32
N ASP A 324 30.06 -12.94 44.14
CA ASP A 324 29.56 -14.08 43.36
C ASP A 324 29.59 -15.36 44.20
N PRO A 325 28.41 -15.84 44.64
CA PRO A 325 28.31 -17.05 45.44
C PRO A 325 28.66 -18.33 44.69
N LEU A 326 28.92 -18.20 43.39
CA LEU A 326 29.26 -19.36 42.57
C LEU A 326 30.75 -19.44 42.31
N PHE A 327 31.47 -18.36 42.57
CA PHE A 327 32.91 -18.34 42.32
C PHE A 327 33.68 -19.27 43.25
N ARG A 328 34.41 -20.22 42.64
CA ARG A 328 35.19 -21.17 43.41
C ARG A 328 36.68 -20.85 43.30
N ARG A 329 37.30 -20.49 44.42
CA ARG A 329 38.72 -20.17 44.46
C ARG A 329 39.55 -21.42 44.19
N GLU A 330 40.50 -21.29 43.29
CA GLU A 330 41.37 -22.41 42.95
C GLU A 330 42.81 -22.00 43.17
N SER A 331 43.03 -20.70 43.29
CA SER A 331 44.37 -20.16 43.47
C SER A 331 44.40 -19.12 44.59
N PRO A 332 45.47 -19.09 45.39
CA PRO A 332 45.63 -18.14 46.52
C PRO A 332 45.35 -16.74 46.01
N ASP A 333 45.70 -16.58 44.75
CA ASP A 333 45.58 -15.35 43.99
C ASP A 333 44.12 -14.91 43.83
N ASP A 334 43.23 -15.88 43.67
CA ASP A 334 41.80 -15.64 43.45
C ASP A 334 41.06 -14.84 44.51
N GLU A 335 40.15 -13.99 44.02
CA GLU A 335 39.29 -13.16 44.86
C GLU A 335 37.87 -13.21 44.27
N PRO A 336 36.86 -13.49 45.10
CA PRO A 336 35.49 -13.56 44.61
C PRO A 336 35.11 -12.25 43.93
N PRO A 337 34.61 -12.31 42.68
CA PRO A 337 34.23 -11.09 41.98
C PRO A 337 32.95 -10.48 42.54
N GLN A 338 32.90 -9.16 42.56
CA GLN A 338 31.73 -8.46 43.08
C GLN A 338 30.56 -8.62 42.09
N LEU A 339 29.38 -8.96 42.61
CA LEU A 339 28.22 -9.11 41.74
C LEU A 339 27.75 -7.75 41.22
N SER A 340 27.04 -7.78 40.10
CA SER A 340 26.50 -6.56 39.53
C SER A 340 25.14 -6.94 38.97
N THR A 341 24.29 -5.97 38.74
CA THR A 341 22.96 -6.25 38.20
C THR A 341 23.10 -6.90 36.84
N LEU A 342 22.23 -7.85 36.56
CA LEU A 342 22.27 -8.55 35.28
C LEU A 342 21.33 -7.90 34.29
N PRO A 343 21.72 -7.85 33.02
CA PRO A 343 20.88 -7.25 31.97
C PRO A 343 19.85 -8.24 31.45
N THR A 344 18.72 -7.70 30.96
CA THR A 344 17.70 -8.55 30.36
C THR A 344 18.32 -8.82 29.00
N ILE A 345 18.22 -10.06 28.55
CA ILE A 345 18.79 -10.42 27.27
C ILE A 345 17.73 -10.78 26.27
N VAL A 346 17.81 -10.21 25.07
CA VAL A 346 16.83 -10.50 24.03
C VAL A 346 17.51 -11.10 22.79
N VAL A 347 17.01 -12.24 22.33
CA VAL A 347 17.54 -12.88 21.12
C VAL A 347 16.50 -12.69 20.00
N VAL A 348 16.89 -11.93 18.97
CA VAL A 348 16.02 -11.63 17.84
C VAL A 348 16.48 -12.31 16.55
N VAL A 349 15.60 -13.12 15.97
CA VAL A 349 15.92 -13.80 14.72
C VAL A 349 15.06 -13.17 13.63
N ASP A 350 15.70 -12.50 12.67
CA ASP A 350 14.97 -11.86 11.58
C ASP A 350 14.20 -12.90 10.77
N GLU A 351 14.84 -14.04 10.53
CA GLU A 351 14.24 -15.13 9.76
C GLU A 351 14.82 -16.45 10.26
N PHE A 352 14.01 -17.23 10.97
CA PHE A 352 14.52 -18.48 11.51
C PHE A 352 14.09 -19.68 10.68
N ALA A 353 13.49 -19.43 9.52
CA ALA A 353 13.07 -20.52 8.64
C ALA A 353 14.33 -21.19 8.12
N ASP A 354 15.38 -20.40 7.95
CA ASP A 354 16.66 -20.92 7.47
C ASP A 354 17.30 -21.80 8.52
N MET A 355 17.34 -21.33 9.76
CA MET A 355 17.90 -22.12 10.86
C MET A 355 17.23 -23.49 10.88
N MET A 356 15.90 -23.48 10.91
CA MET A 356 15.10 -24.69 10.94
C MET A 356 15.36 -25.59 9.74
N MET A 357 16.01 -25.03 8.72
CA MET A 357 16.30 -25.77 7.51
C MET A 357 17.77 -26.22 7.42
N ILE A 358 18.69 -25.30 7.69
CA ILE A 358 20.12 -25.62 7.62
C ILE A 358 20.54 -26.56 8.75
N VAL A 359 20.21 -26.22 9.99
CA VAL A 359 20.57 -27.06 11.13
C VAL A 359 19.54 -28.16 11.36
N GLY A 360 18.29 -27.75 11.61
CA GLY A 360 17.24 -28.74 11.83
C GLY A 360 16.74 -28.93 13.24
N LYS A 361 16.57 -30.21 13.62
CA LYS A 361 16.06 -30.58 14.93
C LYS A 361 16.80 -29.97 16.13
N LYS A 362 18.11 -29.87 16.04
CA LYS A 362 18.88 -29.30 17.13
C LYS A 362 18.42 -27.87 17.43
N VAL A 363 18.04 -27.14 16.39
CA VAL A 363 17.56 -25.78 16.58
C VAL A 363 16.20 -25.77 17.28
N GLU A 364 15.31 -26.68 16.88
CA GLU A 364 14.00 -26.74 17.51
C GLU A 364 14.22 -26.93 18.99
N GLU A 365 14.99 -27.96 19.31
CA GLU A 365 15.34 -28.34 20.66
C GLU A 365 15.79 -27.15 21.52
N LEU A 366 16.75 -26.38 21.02
CA LEU A 366 17.25 -25.22 21.76
C LEU A 366 16.16 -24.16 21.97
N ILE A 367 15.40 -23.90 20.92
CA ILE A 367 14.31 -22.92 20.99
C ILE A 367 13.29 -23.37 22.03
N ALA A 368 12.87 -24.62 21.93
CA ALA A 368 11.89 -25.19 22.84
C ALA A 368 12.35 -25.12 24.28
N ARG A 369 13.66 -25.28 24.50
CA ARG A 369 14.21 -25.23 25.85
C ARG A 369 14.23 -23.81 26.39
N ILE A 370 14.66 -22.86 25.56
CA ILE A 370 14.70 -21.47 25.98
C ILE A 370 13.27 -21.03 26.29
N ALA A 371 12.34 -21.34 25.40
CA ALA A 371 10.95 -20.94 25.58
C ALA A 371 10.35 -21.46 26.88
N GLN A 372 10.64 -22.72 27.21
CA GLN A 372 10.08 -23.30 28.41
C GLN A 372 10.55 -22.70 29.73
N LYS A 373 11.81 -22.34 29.86
CA LYS A 373 12.26 -21.81 31.14
C LYS A 373 13.20 -20.61 31.20
N ALA A 374 13.29 -19.82 30.13
CA ALA A 374 14.20 -18.68 30.17
C ALA A 374 13.62 -17.42 30.82
N ARG A 375 12.30 -17.35 30.93
CA ARG A 375 11.63 -16.18 31.50
C ARG A 375 12.19 -15.67 32.81
N ALA A 376 12.22 -16.53 33.82
CA ALA A 376 12.73 -16.13 35.13
C ALA A 376 14.16 -15.61 35.02
N ALA A 377 14.96 -16.22 34.15
CA ALA A 377 16.35 -15.82 33.93
C ALA A 377 16.46 -14.51 33.16
N GLY A 378 15.32 -13.99 32.72
CA GLY A 378 15.31 -12.74 31.99
C GLY A 378 15.89 -12.82 30.59
N ILE A 379 15.69 -13.96 29.93
CA ILE A 379 16.20 -14.16 28.58
C ILE A 379 14.97 -14.34 27.70
N HIS A 380 14.80 -13.44 26.72
CA HIS A 380 13.63 -13.49 25.86
C HIS A 380 13.84 -13.66 24.34
N LEU A 381 13.01 -14.49 23.74
CA LEU A 381 13.08 -14.79 22.32
C LEU A 381 12.09 -14.04 21.46
N ILE A 382 12.55 -13.56 20.31
CA ILE A 382 11.66 -12.91 19.34
C ILE A 382 12.03 -13.63 18.05
N LEU A 383 11.14 -14.50 17.58
CA LEU A 383 11.38 -15.25 16.34
C LEU A 383 10.42 -14.77 15.25
N ALA A 384 10.99 -14.25 14.17
CA ALA A 384 10.21 -13.74 13.05
C ALA A 384 10.46 -14.58 11.81
N THR A 385 9.43 -14.79 11.00
CA THR A 385 9.56 -15.58 9.78
C THR A 385 8.64 -15.06 8.68
N GLN A 386 9.16 -15.09 7.46
CA GLN A 386 8.42 -14.66 6.31
C GLN A 386 7.82 -15.90 5.65
N ARG A 387 8.24 -17.06 6.12
CA ARG A 387 7.74 -18.33 5.59
C ARG A 387 7.01 -19.15 6.65
N PRO A 388 5.80 -18.73 7.04
CA PRO A 388 4.94 -19.37 8.04
C PRO A 388 4.44 -20.78 7.70
N SER A 389 5.34 -21.76 7.64
CA SER A 389 4.94 -23.12 7.32
C SER A 389 5.02 -24.02 8.54
N VAL A 390 4.24 -25.10 8.54
CA VAL A 390 4.24 -26.04 9.66
C VAL A 390 5.63 -26.60 9.88
N ASP A 391 6.47 -26.51 8.86
CA ASP A 391 7.84 -26.99 8.94
C ASP A 391 8.71 -26.03 9.74
N VAL A 392 8.32 -24.77 9.75
CA VAL A 392 9.08 -23.76 10.47
C VAL A 392 8.42 -23.45 11.81
N ILE A 393 7.13 -23.17 11.79
CA ILE A 393 6.40 -22.89 13.02
C ILE A 393 5.79 -24.23 13.44
N THR A 394 6.60 -25.05 14.13
CA THR A 394 6.17 -26.36 14.58
C THR A 394 5.44 -26.27 15.91
N GLY A 395 4.64 -27.30 16.20
CA GLY A 395 3.86 -27.32 17.43
C GLY A 395 4.78 -27.30 18.63
N LEU A 396 6.00 -27.79 18.44
CA LEU A 396 6.96 -27.82 19.51
C LEU A 396 7.39 -26.39 19.83
N ILE A 397 7.50 -25.56 18.81
CA ILE A 397 7.88 -24.16 18.98
C ILE A 397 6.71 -23.44 19.60
N LYS A 398 5.51 -23.68 19.06
CA LYS A 398 4.29 -23.03 19.52
C LYS A 398 3.79 -23.37 20.93
N ALA A 399 4.05 -24.60 21.36
CA ALA A 399 3.61 -25.02 22.68
C ALA A 399 4.11 -24.12 23.81
N ASN A 400 5.32 -23.59 23.69
CA ASN A 400 5.84 -22.72 24.74
C ASN A 400 5.94 -21.24 24.42
N ILE A 401 5.34 -20.84 23.31
CA ILE A 401 5.33 -19.43 22.92
C ILE A 401 3.91 -19.08 22.55
N PRO A 402 3.11 -18.66 23.53
CA PRO A 402 1.70 -18.29 23.29
C PRO A 402 1.49 -16.93 22.62
N THR A 403 2.37 -15.97 22.89
CA THR A 403 2.25 -14.64 22.29
C THR A 403 2.60 -14.64 20.80
N ARG A 404 1.67 -14.17 19.98
CA ARG A 404 1.85 -14.14 18.54
C ARG A 404 1.53 -12.79 17.90
N ILE A 405 2.22 -12.49 16.80
CA ILE A 405 1.97 -11.29 16.03
C ILE A 405 1.99 -11.70 14.59
N ALA A 406 0.88 -11.51 13.90
CA ALA A 406 0.83 -11.87 12.51
C ALA A 406 0.55 -10.68 11.63
N PHE A 407 1.50 -10.32 10.79
CA PHE A 407 1.28 -9.24 9.84
C PHE A 407 0.54 -9.99 8.73
N GLN A 408 0.34 -9.35 7.57
CA GLN A 408 -0.38 -9.99 6.48
C GLN A 408 0.30 -11.28 5.99
N VAL A 409 -0.48 -12.36 5.87
CA VAL A 409 0.07 -13.62 5.35
C VAL A 409 -0.72 -14.00 4.09
N SER A 410 -0.17 -14.92 3.31
CA SER A 410 -0.78 -15.31 2.04
C SER A 410 -2.02 -16.20 2.04
N SER A 411 -2.32 -16.88 3.15
CA SER A 411 -3.50 -17.76 3.15
C SER A 411 -4.01 -18.06 4.55
N LYS A 412 -5.22 -18.60 4.61
CA LYS A 412 -5.83 -18.96 5.89
C LYS A 412 -5.01 -20.03 6.55
N ILE A 413 -4.40 -20.87 5.74
CA ILE A 413 -3.57 -21.94 6.28
C ILE A 413 -2.38 -21.31 6.98
N ASP A 414 -1.74 -20.36 6.32
CA ASP A 414 -0.60 -19.68 6.92
C ASP A 414 -1.01 -18.91 8.18
N SER A 415 -2.26 -18.46 8.22
CA SER A 415 -2.76 -17.71 9.37
C SER A 415 -2.90 -18.62 10.57
N ARG A 416 -3.38 -19.84 10.35
CA ARG A 416 -3.56 -20.79 11.42
C ARG A 416 -2.23 -21.29 11.96
N THR A 417 -1.23 -21.44 11.11
CA THR A 417 0.06 -21.92 11.54
C THR A 417 0.62 -20.96 12.58
N ILE A 418 0.43 -19.67 12.36
CA ILE A 418 0.95 -18.68 13.30
C ILE A 418 0.02 -18.34 14.46
N LEU A 419 -1.26 -18.17 14.17
CA LEU A 419 -2.24 -17.80 15.20
C LEU A 419 -3.15 -18.95 15.63
N ASP A 420 -3.04 -20.11 14.98
CA ASP A 420 -3.92 -21.23 15.29
C ASP A 420 -5.33 -20.74 15.00
N GLN A 421 -5.41 -19.70 14.19
CA GLN A 421 -6.69 -19.08 13.86
C GLN A 421 -6.58 -18.39 12.51
N GLY A 422 -7.70 -18.21 11.81
CA GLY A 422 -7.66 -17.55 10.52
C GLY A 422 -7.85 -16.05 10.67
N GLY A 423 -7.58 -15.29 9.60
CA GLY A 423 -7.78 -13.86 9.67
C GLY A 423 -6.61 -12.96 9.28
N ALA A 424 -5.39 -13.46 9.45
CA ALA A 424 -4.22 -12.66 9.10
C ALA A 424 -4.13 -12.54 7.58
N GLU A 425 -4.91 -13.35 6.86
CA GLU A 425 -4.91 -13.28 5.41
C GLU A 425 -5.77 -12.11 4.93
N GLN A 426 -6.52 -11.50 5.86
CA GLN A 426 -7.39 -10.39 5.51
C GLN A 426 -6.76 -9.04 5.82
N LEU A 427 -5.53 -9.05 6.35
CA LEU A 427 -4.83 -7.82 6.70
C LEU A 427 -4.41 -7.01 5.46
N LEU A 428 -4.07 -5.74 5.67
CA LEU A 428 -3.71 -4.88 4.55
C LEU A 428 -2.25 -4.92 4.12
N GLY A 429 -1.36 -5.11 5.08
CA GLY A 429 0.06 -5.11 4.75
C GLY A 429 0.53 -3.75 5.24
N HIS A 430 1.79 -3.42 5.00
CA HIS A 430 2.35 -2.14 5.43
C HIS A 430 2.13 -1.91 6.93
N GLY A 431 2.46 -2.90 7.75
CA GLY A 431 2.33 -2.74 9.19
C GLY A 431 1.08 -3.27 9.87
N ASP A 432 0.02 -3.41 9.11
CA ASP A 432 -1.25 -3.90 9.61
C ASP A 432 -1.00 -5.26 10.26
N MET A 433 -1.46 -5.45 11.49
CA MET A 433 -1.22 -6.72 12.16
C MET A 433 -2.33 -7.19 13.12
N LEU A 434 -2.24 -8.46 13.50
CA LEU A 434 -3.14 -9.07 14.47
C LEU A 434 -2.21 -9.52 15.61
N TYR A 435 -2.42 -8.96 16.79
CA TYR A 435 -1.59 -9.28 17.95
C TYR A 435 -2.35 -10.18 18.92
N LEU A 436 -1.75 -11.29 19.31
CA LEU A 436 -2.39 -12.24 20.22
C LEU A 436 -1.64 -12.26 21.55
N PRO A 437 -2.11 -11.48 22.53
CA PRO A 437 -1.43 -11.47 23.82
C PRO A 437 -1.62 -12.75 24.59
N PRO A 438 -0.82 -12.95 25.64
CA PRO A 438 -0.94 -14.17 26.45
C PRO A 438 -2.31 -14.32 27.07
N GLY A 439 -2.73 -15.57 27.29
CA GLY A 439 -4.02 -15.85 27.90
C GLY A 439 -5.16 -15.16 27.20
N THR A 440 -5.09 -15.16 25.87
CA THR A 440 -6.12 -14.52 25.05
C THR A 440 -6.39 -15.41 23.86
N GLY A 441 -7.67 -15.58 23.54
CA GLY A 441 -8.03 -16.42 22.42
C GLY A 441 -8.16 -15.59 21.16
N LEU A 442 -8.62 -14.35 21.33
CA LEU A 442 -8.81 -13.46 20.21
C LEU A 442 -7.75 -12.38 20.10
N PRO A 443 -7.22 -12.20 18.88
CA PRO A 443 -6.20 -11.19 18.65
C PRO A 443 -6.81 -9.81 18.49
N ILE A 444 -6.03 -8.78 18.77
CA ILE A 444 -6.52 -7.42 18.60
C ILE A 444 -5.77 -6.87 17.40
N ARG A 445 -6.45 -6.08 16.58
CA ARG A 445 -5.81 -5.50 15.41
C ARG A 445 -4.97 -4.31 15.84
N VAL A 446 -3.73 -4.25 15.37
CA VAL A 446 -2.86 -3.14 15.70
C VAL A 446 -2.27 -2.62 14.40
N HIS A 447 -2.19 -1.30 14.26
CA HIS A 447 -1.60 -0.71 13.07
C HIS A 447 -0.16 -0.41 13.41
N GLY A 448 0.74 -1.28 12.96
CA GLY A 448 2.16 -1.12 13.24
C GLY A 448 2.69 0.29 13.07
N ALA A 449 3.55 0.72 13.99
CA ALA A 449 4.12 2.05 13.93
C ALA A 449 5.25 2.04 12.90
N PHE A 450 5.31 3.08 12.06
CA PHE A 450 6.33 3.15 11.04
C PHE A 450 7.64 3.78 11.45
N VAL A 451 8.73 3.06 11.21
CA VAL A 451 10.06 3.58 11.50
C VAL A 451 10.93 3.26 10.27
N SER A 452 11.48 4.32 9.68
CA SER A 452 12.32 4.19 8.49
C SER A 452 13.73 3.72 8.80
N ASP A 453 14.32 3.01 7.84
CA ASP A 453 15.67 2.50 8.00
C ASP A 453 16.59 3.67 8.33
N ASP A 454 16.21 4.85 7.86
CA ASP A 454 16.99 6.06 8.10
C ASP A 454 16.90 6.49 9.57
N GLU A 455 15.73 6.32 10.18
CA GLU A 455 15.57 6.67 11.58
C GLU A 455 16.36 5.69 12.42
N VAL A 456 16.39 4.43 11.97
CA VAL A 456 17.14 3.39 12.64
C VAL A 456 18.62 3.75 12.61
N HIS A 457 19.08 4.22 11.45
CA HIS A 457 20.47 4.61 11.26
C HIS A 457 20.88 5.72 12.23
N ARG A 458 19.97 6.65 12.48
CA ARG A 458 20.27 7.76 13.39
C ARG A 458 20.44 7.28 14.82
N VAL A 459 19.42 6.55 15.31
CA VAL A 459 19.46 6.06 16.67
C VAL A 459 20.72 5.22 16.86
N VAL A 460 21.01 4.37 15.86
CA VAL A 460 22.20 3.52 15.91
C VAL A 460 23.46 4.39 16.05
N GLU A 461 23.54 5.47 15.28
CA GLU A 461 24.70 6.33 15.37
C GLU A 461 24.76 7.00 16.74
N ALA A 462 23.60 7.39 17.27
CA ALA A 462 23.54 8.02 18.57
C ALA A 462 24.06 7.07 19.65
N TRP A 463 23.81 5.77 19.48
CA TRP A 463 24.27 4.80 20.44
C TRP A 463 25.77 4.49 20.30
N LYS A 464 26.25 4.43 19.07
CA LYS A 464 27.66 4.14 18.85
C LYS A 464 28.53 5.29 19.36
N LEU A 465 27.90 6.39 19.76
CA LEU A 465 28.61 7.55 20.30
C LEU A 465 28.58 7.52 21.82
N ARG A 466 27.68 6.73 22.37
CA ARG A 466 27.55 6.62 23.81
C ARG A 466 28.34 5.43 24.36
N GLY A 467 28.80 4.54 23.47
CA GLY A 467 29.55 3.39 23.90
C GLY A 467 30.07 2.52 22.77
N ALA A 468 31.27 1.98 22.96
CA ALA A 468 31.91 1.13 21.96
C ALA A 468 31.33 -0.27 22.02
N PRO A 469 31.55 -1.06 20.96
CA PRO A 469 31.01 -2.43 20.97
C PRO A 469 31.71 -3.28 22.04
N ASP A 470 30.96 -4.19 22.64
CA ASP A 470 31.49 -5.07 23.68
C ASP A 470 31.14 -6.53 23.39
N TYR A 471 31.64 -7.05 22.28
CA TYR A 471 31.36 -8.42 21.88
C TYR A 471 32.02 -9.44 22.78
N ILE A 472 31.40 -10.61 22.88
CA ILE A 472 31.91 -11.71 23.70
C ILE A 472 32.19 -12.87 22.75
N GLU A 473 33.43 -12.93 22.25
CA GLU A 473 33.81 -13.98 21.30
C GLU A 473 33.91 -15.37 21.91
N ASP A 474 32.77 -15.85 22.36
CA ASP A 474 32.67 -17.17 22.98
C ASP A 474 31.26 -17.61 22.65
N ILE A 475 30.40 -16.62 22.43
CA ILE A 475 29.00 -16.86 22.10
C ILE A 475 28.85 -17.59 20.78
N LEU A 476 29.55 -17.11 19.74
CA LEU A 476 29.45 -17.74 18.44
C LEU A 476 30.45 -18.88 18.31
N ALA A 477 31.51 -18.81 19.11
CA ALA A 477 32.54 -19.84 19.13
C ALA A 477 31.92 -21.21 19.29
N GLY A 478 31.17 -21.41 20.27
N LEU B 70 -16.45 25.84 -13.15
CA LEU B 70 -16.71 27.01 -12.29
C LEU B 70 -16.47 26.66 -10.82
N PRO B 71 -16.74 25.40 -10.42
CA PRO B 71 -16.50 25.03 -9.01
C PRO B 71 -15.03 25.19 -8.64
N PRO B 72 -14.75 25.90 -7.52
CA PRO B 72 -13.41 26.17 -7.00
C PRO B 72 -12.54 24.98 -6.63
N LEU B 73 -11.24 25.10 -6.93
CA LEU B 73 -10.29 24.06 -6.61
C LEU B 73 -10.17 23.89 -5.10
N SER B 74 -10.58 24.92 -4.36
CA SER B 74 -10.51 24.88 -2.90
C SER B 74 -11.43 23.83 -2.31
N LEU B 75 -12.22 23.18 -3.16
CA LEU B 75 -13.12 22.13 -2.69
C LEU B 75 -12.32 20.86 -2.46
N LEU B 76 -11.07 20.84 -2.91
CA LEU B 76 -10.21 19.67 -2.76
C LEU B 76 -9.43 19.69 -1.44
N ASP B 77 -8.75 18.58 -1.14
CA ASP B 77 -7.96 18.49 0.07
C ASP B 77 -6.57 19.05 -0.22
N PRO B 78 -5.97 19.73 0.78
CA PRO B 78 -4.64 20.34 0.67
C PRO B 78 -3.53 19.34 0.41
N ALA B 79 -2.43 19.82 -0.15
CA ALA B 79 -1.28 18.95 -0.41
C ALA B 79 -0.62 18.70 0.94
N GLU B 80 -0.26 17.46 1.20
CA GLU B 80 0.37 17.08 2.46
C GLU B 80 1.87 17.40 2.44
N VAL B 81 2.43 17.60 3.63
CA VAL B 81 3.86 17.92 3.76
C VAL B 81 4.70 16.88 3.00
N LYS B 82 5.93 17.23 2.67
CA LYS B 82 6.78 16.31 1.92
C LYS B 82 8.08 15.94 2.62
N GLN B 83 8.06 15.81 3.95
CA GLN B 83 9.27 15.45 4.68
C GLN B 83 9.95 14.30 3.95
N LYS B 84 10.91 14.65 3.10
CA LYS B 84 11.65 13.70 2.29
C LYS B 84 12.91 13.16 2.95
N SER B 85 14.05 13.74 2.60
CA SER B 85 15.36 13.35 3.12
C SER B 85 15.74 11.93 2.75
N TYR B 86 16.60 11.79 1.75
CA TYR B 86 17.08 10.48 1.31
C TYR B 86 18.60 10.54 1.21
N SER B 87 19.24 10.81 2.35
CA SER B 87 20.68 10.91 2.46
C SER B 87 21.47 10.19 1.37
N PRO B 88 22.43 10.89 0.75
CA PRO B 88 23.25 10.30 -0.32
C PRO B 88 23.94 9.06 0.23
N GLU B 89 23.96 8.96 1.56
CA GLU B 89 24.58 7.84 2.26
C GLU B 89 23.93 6.53 1.88
N SER B 90 22.66 6.36 2.24
CA SER B 90 21.96 5.13 1.93
C SER B 90 21.85 4.87 0.42
N LEU B 91 21.88 5.95 -0.38
CA LEU B 91 21.78 5.79 -1.82
C LEU B 91 23.03 5.17 -2.42
N GLU B 92 24.19 5.44 -1.82
CA GLU B 92 25.43 4.88 -2.32
C GLU B 92 25.48 3.41 -1.95
N ALA B 93 24.95 3.09 -0.77
CA ALA B 93 24.92 1.72 -0.28
C ALA B 93 24.05 0.82 -1.16
N MET B 94 22.85 1.32 -1.46
CA MET B 94 21.91 0.59 -2.32
C MET B 94 22.51 0.41 -3.71
N SER B 95 23.22 1.43 -4.19
CA SER B 95 23.86 1.35 -5.50
C SER B 95 24.87 0.21 -5.42
N ARG B 96 25.53 0.18 -4.27
CA ARG B 96 26.54 -0.79 -3.91
C ARG B 96 25.93 -2.21 -3.87
N LEU B 97 24.83 -2.36 -3.15
CA LEU B 97 24.15 -3.65 -3.03
C LEU B 97 23.68 -4.14 -4.39
N LEU B 98 23.06 -3.24 -5.16
CA LEU B 98 22.55 -3.55 -6.49
C LEU B 98 23.57 -4.29 -7.33
N GLU B 99 24.73 -3.70 -7.49
CA GLU B 99 25.80 -4.31 -8.28
C GLU B 99 26.11 -5.67 -7.69
N ILE B 100 26.23 -5.71 -6.36
CA ILE B 100 26.53 -6.95 -5.66
C ILE B 100 25.49 -8.01 -5.98
N LYS B 101 24.22 -7.71 -5.65
CA LYS B 101 23.14 -8.66 -5.87
C LYS B 101 22.93 -9.12 -7.30
N LEU B 102 23.03 -8.19 -8.25
CA LEU B 102 22.86 -8.57 -9.65
C LEU B 102 23.97 -9.53 -10.06
N LYS B 103 25.18 -9.27 -9.57
CA LYS B 103 26.32 -10.12 -9.88
C LYS B 103 26.06 -11.57 -9.44
N GLU B 104 25.47 -11.74 -8.26
CA GLU B 104 25.16 -13.09 -7.77
C GLU B 104 24.28 -13.80 -8.78
N PHE B 105 23.51 -13.02 -9.54
CA PHE B 105 22.68 -13.59 -10.58
C PHE B 105 23.60 -13.57 -11.80
N GLY B 106 23.09 -13.90 -12.98
CA GLY B 106 23.98 -13.90 -14.13
C GLY B 106 24.11 -12.54 -14.82
N VAL B 107 24.57 -11.52 -14.10
CA VAL B 107 24.69 -10.19 -14.71
C VAL B 107 25.70 -9.24 -14.06
N GLU B 108 26.63 -8.73 -14.87
CA GLU B 108 27.63 -7.78 -14.39
C GLU B 108 27.04 -6.39 -14.66
N VAL B 109 27.19 -5.49 -13.69
CA VAL B 109 26.61 -4.16 -13.83
C VAL B 109 27.29 -3.14 -12.93
N SER B 110 27.14 -1.86 -13.29
CA SER B 110 27.72 -0.77 -12.52
C SER B 110 26.77 0.43 -12.54
N VAL B 111 26.50 1.00 -11.38
CA VAL B 111 25.60 2.14 -11.27
C VAL B 111 26.22 3.42 -11.84
N ASP B 112 25.50 4.05 -12.77
CA ASP B 112 25.96 5.28 -13.43
C ASP B 112 25.46 6.56 -12.75
N SER B 113 24.27 6.51 -12.17
CA SER B 113 23.70 7.68 -11.51
C SER B 113 22.45 7.33 -10.70
N VAL B 114 22.00 8.27 -9.88
CA VAL B 114 20.85 8.04 -9.04
C VAL B 114 19.91 9.23 -9.09
N HIS B 115 18.62 8.96 -9.23
CA HIS B 115 17.64 10.02 -9.29
C HIS B 115 16.52 9.74 -8.30
N PRO B 116 16.60 10.35 -7.10
CA PRO B 116 15.56 10.15 -6.09
C PRO B 116 14.30 10.92 -6.47
N GLY B 117 13.14 10.31 -6.23
CA GLY B 117 11.89 10.97 -6.55
C GLY B 117 10.90 10.90 -5.40
N PRO B 118 9.67 11.38 -5.58
CA PRO B 118 8.61 11.38 -4.55
C PRO B 118 8.14 9.99 -4.12
N VAL B 119 8.13 9.05 -5.06
CA VAL B 119 7.67 7.69 -4.78
C VAL B 119 8.79 6.67 -4.92
N ILE B 120 9.56 6.78 -6.00
CA ILE B 120 10.66 5.85 -6.25
C ILE B 120 11.98 6.57 -6.48
N THR B 121 13.05 5.79 -6.52
CA THR B 121 14.39 6.27 -6.79
C THR B 121 14.84 5.37 -7.92
N ARG B 122 15.36 5.97 -8.98
CA ARG B 122 15.84 5.25 -10.15
C ARG B 122 17.35 5.21 -10.14
N PHE B 123 17.90 4.00 -10.22
CA PHE B 123 19.35 3.81 -10.27
C PHE B 123 19.66 3.38 -11.71
N GLU B 124 20.28 4.23 -12.50
CA GLU B 124 20.61 3.83 -13.87
C GLU B 124 21.86 2.97 -13.79
N ILE B 125 21.86 1.85 -14.49
CA ILE B 125 22.99 0.94 -14.48
C ILE B 125 23.46 0.65 -15.90
N GLN B 126 24.75 0.36 -16.05
CA GLN B 126 25.34 0.07 -17.35
C GLN B 126 25.75 -1.40 -17.46
N PRO B 127 24.90 -2.22 -18.07
CA PRO B 127 25.21 -3.64 -18.23
C PRO B 127 26.47 -3.87 -19.05
N ALA B 128 27.18 -4.97 -18.76
CA ALA B 128 28.38 -5.31 -19.51
C ALA B 128 27.92 -5.76 -20.87
N ALA B 129 28.77 -5.61 -21.89
CA ALA B 129 28.40 -5.99 -23.24
C ALA B 129 27.90 -7.45 -23.26
N GLY B 130 26.95 -7.74 -24.14
CA GLY B 130 26.45 -9.09 -24.25
C GLY B 130 25.18 -9.43 -23.47
N VAL B 131 25.21 -9.21 -22.15
CA VAL B 131 24.05 -9.51 -21.31
C VAL B 131 22.74 -8.95 -21.86
N LYS B 132 21.72 -9.81 -21.91
CA LYS B 132 20.40 -9.41 -22.42
C LYS B 132 19.57 -8.69 -21.37
N VAL B 133 19.20 -7.46 -21.68
CA VAL B 133 18.40 -6.64 -20.76
C VAL B 133 17.12 -7.35 -20.35
N SER B 134 16.66 -8.30 -21.16
CA SER B 134 15.44 -9.02 -20.86
C SER B 134 15.70 -9.93 -19.67
N ARG B 135 16.97 -10.30 -19.52
CA ARG B 135 17.40 -11.17 -18.43
C ARG B 135 17.23 -10.45 -17.10
N ILE B 136 17.55 -9.16 -17.07
CA ILE B 136 17.42 -8.37 -15.86
C ILE B 136 15.92 -8.23 -15.53
N SER B 137 15.11 -7.98 -16.55
CA SER B 137 13.68 -7.81 -16.37
C SER B 137 13.04 -9.00 -15.65
N ASN B 138 13.42 -10.20 -16.05
CA ASN B 138 12.87 -11.41 -15.45
C ASN B 138 13.36 -11.66 -14.02
N LEU B 139 14.44 -11.00 -13.62
CA LEU B 139 15.00 -11.15 -12.28
C LEU B 139 14.40 -10.19 -11.25
N ALA B 140 13.55 -9.27 -11.70
CA ALA B 140 12.95 -8.30 -10.79
C ALA B 140 12.47 -8.92 -9.47
N LYS B 141 11.66 -9.99 -9.55
CA LYS B 141 11.17 -10.61 -8.32
C LYS B 141 12.33 -11.03 -7.43
N ASP B 142 13.19 -11.90 -7.95
CA ASP B 142 14.34 -12.38 -7.19
C ASP B 142 15.23 -11.24 -6.68
N LEU B 143 15.45 -10.22 -7.51
CA LEU B 143 16.30 -9.11 -7.12
C LEU B 143 15.69 -8.34 -5.95
N ALA B 144 14.39 -8.09 -6.01
CA ALA B 144 13.72 -7.37 -4.94
C ALA B 144 13.93 -8.18 -3.65
N ARG B 145 13.72 -9.48 -3.76
CA ARG B 145 13.88 -10.38 -2.65
C ARG B 145 15.30 -10.26 -2.08
N SER B 146 16.31 -10.44 -2.95
CA SER B 146 17.70 -10.38 -2.49
C SER B 146 18.07 -9.02 -1.93
N LEU B 147 17.25 -8.01 -2.17
CA LEU B 147 17.55 -6.67 -1.68
C LEU B 147 16.69 -6.33 -0.47
N ALA B 148 15.75 -7.21 -0.18
CA ALA B 148 14.84 -7.04 0.94
C ALA B 148 13.92 -5.84 0.76
N VAL B 149 13.62 -5.50 -0.51
CA VAL B 149 12.71 -4.40 -0.75
C VAL B 149 11.44 -5.02 -1.28
N ILE B 150 10.35 -4.28 -1.16
CA ILE B 150 9.04 -4.74 -1.58
C ILE B 150 8.86 -4.97 -3.08
N SER B 151 9.39 -4.06 -3.90
CA SER B 151 9.28 -4.16 -5.36
C SER B 151 10.43 -3.49 -6.09
N VAL B 152 10.66 -3.96 -7.31
CA VAL B 152 11.67 -3.39 -8.18
C VAL B 152 11.08 -3.35 -9.59
N ARG B 153 11.23 -2.22 -10.26
CA ARG B 153 10.76 -2.11 -11.64
C ARG B 153 12.01 -2.02 -12.52
N VAL B 154 12.07 -2.83 -13.56
CA VAL B 154 13.20 -2.81 -14.46
C VAL B 154 12.85 -2.05 -15.74
N VAL B 155 13.50 -0.91 -15.97
CA VAL B 155 13.29 -0.10 -17.16
C VAL B 155 14.32 -0.55 -18.19
N GLU B 156 13.88 -1.28 -19.21
CA GLU B 156 14.80 -1.79 -20.22
C GLU B 156 15.58 -0.77 -21.05
N VAL B 157 14.93 0.32 -21.43
CA VAL B 157 15.65 1.37 -22.17
C VAL B 157 15.27 2.76 -21.64
N ILE B 158 16.27 3.62 -21.51
CA ILE B 158 16.04 4.96 -21.01
C ILE B 158 16.28 5.97 -22.13
N PRO B 159 15.19 6.50 -22.70
CA PRO B 159 15.31 7.47 -23.80
C PRO B 159 16.58 8.31 -23.81
N GLY B 160 17.27 8.27 -24.94
CA GLY B 160 18.49 9.05 -25.09
C GLY B 160 19.70 8.57 -24.33
N LYS B 161 19.61 7.37 -23.77
CA LYS B 161 20.73 6.81 -23.00
C LYS B 161 20.92 5.33 -23.27
N THR B 162 22.10 4.82 -22.94
CA THR B 162 22.39 3.41 -23.16
C THR B 162 22.16 2.63 -21.86
N THR B 163 21.79 3.32 -20.79
CA THR B 163 21.57 2.67 -19.50
C THR B 163 20.24 1.96 -19.31
N VAL B 164 20.19 1.15 -18.26
CA VAL B 164 19.00 0.41 -17.88
C VAL B 164 18.57 0.96 -16.53
N GLY B 165 17.28 1.09 -16.33
CA GLY B 165 16.79 1.62 -15.08
C GLY B 165 16.35 0.56 -14.08
N ILE B 166 16.67 0.79 -12.81
CA ILE B 166 16.25 -0.11 -11.73
C ILE B 166 15.55 0.86 -10.80
N GLU B 167 14.24 0.76 -10.71
CA GLU B 167 13.48 1.66 -9.85
C GLU B 167 13.04 0.98 -8.57
N ILE B 168 13.33 1.64 -7.45
CA ILE B 168 13.07 1.10 -6.12
C ILE B 168 12.21 2.04 -5.28
N PRO B 169 11.11 1.52 -4.71
CA PRO B 169 10.18 2.30 -3.88
C PRO B 169 10.86 2.91 -2.65
N ASN B 170 10.50 4.14 -2.33
CA ASN B 170 11.06 4.83 -1.16
C ASN B 170 10.32 4.35 0.07
N GLU B 171 11.04 4.18 1.18
CA GLU B 171 10.42 3.73 2.42
C GLU B 171 9.17 4.52 2.74
N ASP B 172 9.30 5.84 2.82
CA ASP B 172 8.15 6.67 3.09
C ASP B 172 7.77 7.44 1.83
N ARG B 173 6.91 6.84 1.03
CA ARG B 173 6.45 7.45 -0.21
C ARG B 173 5.47 8.55 0.16
N GLN B 174 5.56 9.68 -0.52
CA GLN B 174 4.64 10.77 -0.25
C GLN B 174 3.51 10.71 -1.28
N MET B 175 2.28 10.70 -0.79
CA MET B 175 1.12 10.64 -1.67
C MET B 175 1.06 11.87 -2.58
N VAL B 176 0.55 11.68 -3.79
CA VAL B 176 0.41 12.78 -4.73
C VAL B 176 -1.04 13.20 -4.70
N ARG B 177 -1.31 14.43 -4.28
CA ARG B 177 -2.67 14.90 -4.20
C ARG B 177 -3.17 15.65 -5.42
N PHE B 178 -4.42 15.39 -5.76
CA PHE B 178 -5.06 15.99 -6.91
C PHE B 178 -4.89 17.50 -6.93
N SER B 179 -5.15 18.14 -5.80
CA SER B 179 -5.04 19.59 -5.71
C SER B 179 -3.66 20.07 -6.16
N GLU B 180 -2.65 19.26 -5.84
CA GLU B 180 -1.27 19.54 -6.18
C GLU B 180 -1.03 19.49 -7.69
N VAL B 181 -1.60 18.48 -8.34
CA VAL B 181 -1.45 18.33 -9.78
C VAL B 181 -2.22 19.41 -10.53
N LEU B 182 -3.48 19.64 -10.13
CA LEU B 182 -4.31 20.64 -10.77
C LEU B 182 -3.85 22.07 -10.54
N SER B 183 -3.05 22.29 -9.49
CA SER B 183 -2.56 23.63 -9.21
C SER B 183 -1.37 23.98 -10.09
N SER B 184 -0.94 23.04 -10.91
CA SER B 184 0.18 23.29 -11.80
C SER B 184 -0.27 24.16 -12.98
N PRO B 185 0.64 25.01 -13.49
CA PRO B 185 0.25 25.87 -14.61
C PRO B 185 -0.12 25.04 -15.84
N GLU B 186 0.52 23.88 -15.99
CA GLU B 186 0.25 22.99 -17.12
C GLU B 186 -1.24 22.73 -17.21
N TYR B 187 -1.88 22.59 -16.05
CA TYR B 187 -3.31 22.34 -15.99
C TYR B 187 -4.12 23.64 -15.99
N ASP B 188 -3.76 24.56 -15.10
CA ASP B 188 -4.47 25.81 -14.97
C ASP B 188 -4.56 26.60 -16.26
N GLU B 189 -3.56 26.45 -17.13
CA GLU B 189 -3.55 27.16 -18.39
C GLU B 189 -3.75 26.24 -19.60
N HIS B 190 -4.26 25.05 -19.35
CA HIS B 190 -4.50 24.11 -20.43
C HIS B 190 -5.73 24.60 -21.18
N LYS B 191 -5.65 24.61 -22.51
CA LYS B 191 -6.76 25.08 -23.33
C LYS B 191 -7.81 24.03 -23.66
N SER B 192 -7.40 22.78 -23.78
CA SER B 192 -8.32 21.69 -24.10
C SER B 192 -9.58 21.69 -23.24
N THR B 193 -10.66 21.15 -23.79
CA THR B 193 -11.92 21.05 -23.08
C THR B 193 -11.85 19.82 -22.16
N VAL B 194 -11.02 18.87 -22.54
CA VAL B 194 -10.87 17.64 -21.78
C VAL B 194 -9.44 17.26 -21.43
N PRO B 195 -8.81 18.07 -20.57
CA PRO B 195 -7.43 17.76 -20.18
C PRO B 195 -7.58 16.69 -19.08
N LEU B 196 -6.59 15.83 -18.93
CA LEU B 196 -6.66 14.81 -17.88
C LEU B 196 -5.39 14.88 -17.07
N ALA B 197 -5.50 15.35 -15.82
CA ALA B 197 -4.32 15.44 -14.96
C ALA B 197 -4.06 14.08 -14.35
N LEU B 198 -3.04 13.39 -14.86
CA LEU B 198 -2.70 12.05 -14.39
C LEU B 198 -2.01 11.97 -13.01
N GLY B 199 -1.05 12.87 -12.78
CA GLY B 199 -0.31 12.86 -11.52
C GLY B 199 1.09 13.40 -11.67
N HIS B 200 2.06 12.77 -11.02
CA HIS B 200 3.47 13.19 -11.06
C HIS B 200 4.37 12.11 -11.66
N ASP B 201 5.35 12.51 -12.48
CA ASP B 201 6.27 11.55 -13.05
C ASP B 201 7.28 11.16 -11.99
N ILE B 202 8.18 10.23 -12.28
CA ILE B 202 9.16 9.80 -11.27
C ILE B 202 9.99 10.91 -10.66
N GLY B 203 10.10 12.04 -11.35
CA GLY B 203 10.86 13.17 -10.82
C GLY B 203 9.98 14.17 -10.10
N GLY B 204 8.69 13.86 -10.00
CA GLY B 204 7.75 14.73 -9.32
C GLY B 204 7.13 15.82 -10.15
N ARG B 205 7.33 15.78 -11.46
CA ARG B 205 6.78 16.79 -12.37
C ARG B 205 5.35 16.46 -12.79
N PRO B 206 4.47 17.47 -12.84
CA PRO B 206 3.09 17.22 -13.24
C PRO B 206 2.99 16.71 -14.66
N ILE B 207 2.14 15.71 -14.86
CA ILE B 207 1.93 15.13 -16.18
C ILE B 207 0.48 15.42 -16.51
N ILE B 208 0.24 16.42 -17.35
CA ILE B 208 -1.12 16.76 -17.73
C ILE B 208 -1.26 16.39 -19.19
N THR B 209 -2.30 15.64 -19.51
CA THR B 209 -2.53 15.22 -20.89
C THR B 209 -3.78 15.84 -21.49
N ASP B 210 -4.03 15.48 -22.75
CA ASP B 210 -5.18 15.95 -23.49
C ASP B 210 -5.90 14.77 -24.14
N LEU B 211 -7.08 14.43 -23.62
CA LEU B 211 -7.87 13.32 -24.16
C LEU B 211 -8.18 13.51 -25.64
N ALA B 212 -8.38 14.78 -26.03
CA ALA B 212 -8.74 15.08 -27.42
C ALA B 212 -7.65 14.71 -28.42
N LYS B 213 -6.40 14.65 -27.95
CA LYS B 213 -5.28 14.28 -28.81
C LYS B 213 -4.88 12.81 -28.65
N MET B 214 -5.51 12.09 -27.73
CA MET B 214 -5.15 10.70 -27.52
C MET B 214 -5.50 9.72 -28.64
N PRO B 215 -6.72 9.79 -29.20
CA PRO B 215 -7.86 10.65 -28.90
C PRO B 215 -8.85 9.80 -28.12
N HIS B 216 -8.44 8.57 -27.86
CA HIS B 216 -9.23 7.63 -27.09
C HIS B 216 -8.27 6.97 -26.12
N LEU B 217 -8.80 6.50 -25.01
CA LEU B 217 -7.95 5.90 -23.99
C LEU B 217 -8.49 4.59 -23.43
N LEU B 218 -7.58 3.62 -23.29
CA LEU B 218 -7.85 2.30 -22.72
C LEU B 218 -7.19 2.31 -21.35
N VAL B 219 -7.84 1.75 -20.35
CA VAL B 219 -7.27 1.73 -18.99
C VAL B 219 -7.48 0.39 -18.30
N ALA B 220 -6.41 -0.20 -17.79
CA ALA B 220 -6.51 -1.49 -17.11
C ALA B 220 -5.73 -1.47 -15.79
N GLY B 221 -6.10 -2.42 -14.93
CA GLY B 221 -5.48 -2.59 -13.64
C GLY B 221 -6.33 -3.53 -12.77
N THR B 222 -5.68 -4.35 -11.95
CA THR B 222 -6.41 -5.27 -11.07
C THR B 222 -6.82 -4.52 -9.81
N THR B 223 -7.55 -5.21 -8.92
CA THR B 223 -8.03 -4.60 -7.69
C THR B 223 -6.98 -3.94 -6.81
N GLY B 224 -7.34 -2.79 -6.25
CA GLY B 224 -6.41 -2.07 -5.40
C GLY B 224 -5.29 -1.40 -6.18
N SER B 225 -5.36 -1.41 -7.51
CA SER B 225 -4.30 -0.80 -8.33
C SER B 225 -4.47 0.71 -8.46
N GLY B 226 -5.70 1.19 -8.35
CA GLY B 226 -5.94 2.61 -8.45
C GLY B 226 -6.64 3.02 -9.74
N LYS B 227 -7.23 2.03 -10.41
CA LYS B 227 -7.97 2.27 -11.65
C LYS B 227 -9.12 3.26 -11.42
N SER B 228 -9.99 2.96 -10.47
CA SER B 228 -11.13 3.82 -10.20
C SER B 228 -10.73 5.20 -9.68
N VAL B 229 -9.65 5.31 -8.93
CA VAL B 229 -9.22 6.61 -8.46
C VAL B 229 -8.69 7.33 -9.69
N GLY B 230 -8.01 6.58 -10.56
CA GLY B 230 -7.49 7.16 -11.79
C GLY B 230 -8.65 7.68 -12.64
N VAL B 231 -9.72 6.90 -12.76
CA VAL B 231 -10.86 7.32 -13.55
C VAL B 231 -11.55 8.56 -12.95
N ASN B 232 -11.60 8.66 -11.62
CA ASN B 232 -12.21 9.83 -10.97
C ASN B 232 -11.36 11.08 -11.18
N ALA B 233 -10.05 10.93 -11.16
CA ALA B 233 -9.15 12.04 -11.37
C ALA B 233 -9.30 12.60 -12.79
N MET B 234 -9.63 11.71 -13.73
CA MET B 234 -9.83 12.10 -15.11
C MET B 234 -11.16 12.82 -15.28
N LEU B 235 -12.18 12.35 -14.58
CA LEU B 235 -13.49 12.96 -14.67
C LEU B 235 -13.48 14.33 -14.00
N LEU B 236 -12.79 14.42 -12.87
CA LEU B 236 -12.69 15.70 -12.18
C LEU B 236 -11.80 16.67 -12.94
N SER B 237 -10.84 16.16 -13.71
CA SER B 237 -9.96 17.02 -14.50
C SER B 237 -10.83 17.81 -15.47
N ILE B 238 -11.82 17.12 -16.03
CA ILE B 238 -12.74 17.72 -16.98
C ILE B 238 -13.78 18.61 -16.29
N LEU B 239 -14.29 18.15 -15.15
CA LEU B 239 -15.30 18.90 -14.42
C LEU B 239 -14.79 20.21 -13.82
N PHE B 240 -13.48 20.35 -13.64
CA PHE B 240 -12.90 21.55 -13.09
C PHE B 240 -12.48 22.54 -14.18
N LYS B 241 -12.57 22.12 -15.44
CA LYS B 241 -12.18 23.05 -16.50
C LYS B 241 -13.31 23.36 -17.45
N SER B 242 -14.21 22.40 -17.63
CA SER B 242 -15.32 22.60 -18.56
C SER B 242 -16.74 22.60 -18.02
N THR B 243 -17.51 23.53 -18.57
CA THR B 243 -18.90 23.67 -18.21
C THR B 243 -19.69 22.74 -19.13
N PRO B 244 -20.95 22.45 -18.78
CA PRO B 244 -21.78 21.56 -19.61
C PRO B 244 -21.92 21.95 -21.08
N SER B 245 -21.74 23.22 -21.40
CA SER B 245 -21.87 23.63 -22.79
C SER B 245 -20.56 23.34 -23.53
N GLU B 246 -19.53 23.01 -22.76
CA GLU B 246 -18.22 22.69 -23.30
C GLU B 246 -17.93 21.18 -23.31
N ALA B 247 -18.49 20.47 -22.34
CA ALA B 247 -18.25 19.04 -22.24
C ALA B 247 -19.45 18.26 -21.67
N ARG B 248 -19.79 17.15 -22.32
CA ARG B 248 -20.90 16.30 -21.89
C ARG B 248 -20.38 14.89 -21.75
N LEU B 249 -21.00 14.11 -20.88
CA LEU B 249 -20.56 12.76 -20.61
C LEU B 249 -21.63 11.67 -20.60
N ILE B 250 -21.17 10.46 -20.90
CA ILE B 250 -22.00 9.27 -20.87
C ILE B 250 -21.17 8.34 -20.00
N MET B 251 -21.73 7.96 -18.86
CA MET B 251 -21.04 7.08 -17.93
C MET B 251 -21.67 5.71 -17.88
N ILE B 252 -20.86 4.67 -18.03
CA ILE B 252 -21.35 3.31 -18.01
C ILE B 252 -20.67 2.56 -16.88
N ASP B 253 -21.47 2.08 -15.93
CA ASP B 253 -20.95 1.36 -14.77
C ASP B 253 -21.91 0.24 -14.42
N PRO B 254 -21.71 -0.95 -15.02
CA PRO B 254 -22.56 -2.12 -14.78
C PRO B 254 -22.92 -2.33 -13.30
N LYS B 255 -21.91 -2.31 -12.42
CA LYS B 255 -22.15 -2.45 -10.99
C LYS B 255 -22.64 -1.08 -10.58
N MET B 256 -23.01 -0.90 -9.33
CA MET B 256 -23.48 0.42 -8.93
C MET B 256 -22.35 1.34 -8.49
N LEU B 257 -21.61 0.86 -7.50
CA LEU B 257 -20.50 1.55 -6.86
C LEU B 257 -19.71 2.73 -7.45
N GLU B 258 -18.53 2.44 -7.97
CA GLU B 258 -17.59 3.44 -8.50
C GLU B 258 -18.04 4.73 -9.16
N LEU B 259 -18.98 4.68 -10.10
CA LEU B 259 -19.41 5.90 -10.79
C LEU B 259 -20.79 6.42 -10.40
N SER B 260 -21.53 5.67 -9.61
CA SER B 260 -22.88 6.05 -9.18
C SER B 260 -22.98 7.44 -8.60
N ILE B 261 -21.91 7.92 -8.00
CA ILE B 261 -21.91 9.23 -7.37
C ILE B 261 -22.04 10.44 -8.31
N TYR B 262 -21.69 10.30 -9.58
CA TYR B 262 -21.80 11.46 -10.50
C TYR B 262 -23.23 11.76 -10.92
N GLU B 263 -24.12 10.87 -10.57
CA GLU B 263 -25.53 11.00 -10.89
C GLU B 263 -26.10 12.40 -10.64
N GLY B 264 -26.62 13.02 -11.69
CA GLY B 264 -27.23 14.33 -11.55
C GLY B 264 -26.46 15.53 -12.06
N ILE B 265 -25.14 15.44 -12.15
CA ILE B 265 -24.39 16.60 -12.62
C ILE B 265 -24.94 17.00 -14.00
N PRO B 266 -24.95 18.29 -14.30
CA PRO B 266 -25.48 18.69 -15.60
C PRO B 266 -24.75 18.14 -16.82
N HIS B 267 -23.46 17.82 -16.66
CA HIS B 267 -22.68 17.30 -17.78
C HIS B 267 -23.22 16.00 -18.38
N LEU B 268 -23.88 15.20 -17.56
CA LEU B 268 -24.43 13.91 -18.02
C LEU B 268 -25.47 13.99 -19.13
N LEU B 269 -25.34 13.11 -20.12
CA LEU B 269 -26.26 13.06 -21.25
C LEU B 269 -27.42 12.10 -20.96
N CYS B 270 -27.22 11.24 -19.97
CA CYS B 270 -28.22 10.26 -19.56
C CYS B 270 -27.78 9.78 -18.18
N PRO B 271 -28.66 9.08 -17.44
CA PRO B 271 -28.27 8.59 -16.12
C PRO B 271 -27.07 7.66 -16.25
N VAL B 272 -26.42 7.36 -15.12
CA VAL B 272 -25.30 6.44 -15.17
C VAL B 272 -25.89 5.13 -15.68
N VAL B 273 -25.30 4.58 -16.74
CA VAL B 273 -25.83 3.35 -17.32
C VAL B 273 -25.43 2.07 -16.60
N THR B 274 -26.42 1.29 -16.20
CA THR B 274 -26.16 0.03 -15.50
C THR B 274 -26.51 -1.17 -16.35
N ASP B 275 -27.56 -1.06 -17.16
CA ASP B 275 -27.97 -2.16 -18.02
C ASP B 275 -27.03 -2.24 -19.22
N MET B 276 -26.56 -3.44 -19.53
CA MET B 276 -25.65 -3.65 -20.64
C MET B 276 -26.27 -3.42 -22.02
N LYS B 277 -27.58 -3.64 -22.14
CA LYS B 277 -28.26 -3.43 -23.41
C LYS B 277 -28.36 -1.92 -23.68
N GLU B 278 -28.60 -1.15 -22.63
CA GLU B 278 -28.69 0.30 -22.77
C GLU B 278 -27.30 0.85 -23.07
N ALA B 279 -26.27 0.19 -22.55
CA ALA B 279 -24.90 0.59 -22.78
C ALA B 279 -24.67 0.44 -24.29
N ALA B 280 -25.19 -0.66 -24.84
CA ALA B 280 -25.07 -0.90 -26.28
C ALA B 280 -25.73 0.25 -27.04
N ASN B 281 -26.94 0.65 -26.64
CA ASN B 281 -27.66 1.76 -27.30
C ASN B 281 -26.88 3.07 -27.19
N ALA B 282 -26.30 3.31 -26.03
CA ALA B 282 -25.51 4.52 -25.78
C ALA B 282 -24.40 4.64 -26.82
N LEU B 283 -23.78 3.50 -27.13
CA LEU B 283 -22.71 3.48 -28.10
C LEU B 283 -23.24 3.74 -29.51
N ARG B 284 -24.43 3.21 -29.80
CA ARG B 284 -25.05 3.42 -31.11
C ARG B 284 -25.43 4.88 -31.25
N TRP B 285 -26.00 5.45 -30.20
CA TRP B 285 -26.36 6.86 -30.23
C TRP B 285 -25.09 7.65 -30.55
N SER B 286 -23.99 7.30 -29.88
CA SER B 286 -22.72 7.97 -30.11
C SER B 286 -22.27 7.93 -31.56
N VAL B 287 -22.45 6.77 -32.20
CA VAL B 287 -22.08 6.63 -33.60
C VAL B 287 -22.98 7.57 -34.40
N ALA B 288 -24.27 7.51 -34.12
CA ALA B 288 -25.24 8.35 -34.81
C ALA B 288 -24.90 9.83 -34.66
N GLU B 289 -24.56 10.25 -33.45
CA GLU B 289 -24.21 11.64 -33.19
C GLU B 289 -22.93 12.02 -33.93
N MET B 290 -22.02 11.06 -34.05
CA MET B 290 -20.76 11.29 -34.73
C MET B 290 -21.01 11.56 -36.20
N GLU B 291 -21.82 10.73 -36.83
CA GLU B 291 -22.13 10.90 -38.24
C GLU B 291 -22.93 12.19 -38.46
N ARG B 292 -23.78 12.51 -37.50
CA ARG B 292 -24.58 13.73 -37.56
C ARG B 292 -23.68 14.96 -37.55
N ARG B 293 -22.62 14.91 -36.74
CA ARG B 293 -21.68 16.03 -36.65
C ARG B 293 -20.86 16.11 -37.94
N TYR B 294 -20.60 14.96 -38.54
CA TYR B 294 -19.85 14.95 -39.78
C TYR B 294 -20.64 15.62 -40.90
N ARG B 295 -21.94 15.33 -40.98
CA ARG B 295 -22.78 15.96 -42.01
C ARG B 295 -22.80 17.45 -41.73
N LEU B 296 -22.84 17.83 -40.45
CA LEU B 296 -22.87 19.23 -40.08
C LEU B 296 -21.59 19.93 -40.50
N MET B 297 -20.45 19.33 -40.17
CA MET B 297 -19.17 19.92 -40.50
C MET B 297 -18.98 19.98 -42.02
N ALA B 298 -19.44 18.95 -42.72
CA ALA B 298 -19.32 18.92 -44.18
C ALA B 298 -20.10 20.12 -44.72
N ALA B 299 -21.37 20.20 -44.34
CA ALA B 299 -22.23 21.29 -44.80
C ALA B 299 -21.68 22.67 -44.45
N MET B 300 -20.90 22.76 -43.39
CA MET B 300 -20.32 24.03 -42.95
C MET B 300 -18.94 24.27 -43.54
N GLY B 301 -18.40 23.23 -44.19
CA GLY B 301 -17.07 23.36 -44.78
C GLY B 301 -15.98 23.45 -43.73
N VAL B 302 -16.10 22.62 -42.69
CA VAL B 302 -15.10 22.59 -41.62
C VAL B 302 -14.55 21.18 -41.51
N ARG B 303 -13.33 21.06 -40.99
CA ARG B 303 -12.68 19.76 -40.86
C ARG B 303 -12.85 19.11 -39.48
N ASN B 304 -13.16 19.90 -38.46
CA ASN B 304 -13.33 19.34 -37.13
C ASN B 304 -14.19 20.19 -36.20
N LEU B 305 -14.36 19.70 -34.98
CA LEU B 305 -15.17 20.37 -33.96
C LEU B 305 -14.67 21.75 -33.61
N ALA B 306 -13.35 21.89 -33.45
CA ALA B 306 -12.76 23.19 -33.12
C ALA B 306 -13.13 24.17 -34.24
N GLY B 307 -12.99 23.73 -35.48
CA GLY B 307 -13.34 24.58 -36.61
C GLY B 307 -14.81 24.95 -36.62
N PHE B 308 -15.68 23.96 -36.40
CA PHE B 308 -17.12 24.19 -36.38
C PHE B 308 -17.47 25.26 -35.36
N ASN B 309 -17.03 25.05 -34.12
CA ASN B 309 -17.27 25.98 -33.03
C ASN B 309 -16.70 27.37 -33.33
N ARG B 310 -15.63 27.44 -34.12
CA ARG B 310 -15.05 28.74 -34.49
C ARG B 310 -16.06 29.48 -35.36
N LYS B 311 -16.48 28.81 -36.43
CA LYS B 311 -17.44 29.36 -37.38
C LYS B 311 -18.69 29.88 -36.65
N VAL B 312 -19.32 29.03 -35.86
CA VAL B 312 -20.52 29.43 -35.13
C VAL B 312 -20.25 30.58 -34.16
N LYS B 313 -19.03 30.66 -33.63
CA LYS B 313 -18.68 31.72 -32.71
C LYS B 313 -18.42 33.05 -33.41
N ASP B 314 -17.80 33.00 -34.58
CA ASP B 314 -17.51 34.20 -35.36
C ASP B 314 -18.81 34.84 -35.85
N ALA B 315 -19.71 34.00 -36.36
CA ALA B 315 -21.00 34.47 -36.86
C ALA B 315 -21.79 35.22 -35.79
N GLU B 316 -21.75 34.70 -34.55
CA GLU B 316 -22.46 35.34 -33.46
C GLU B 316 -21.84 36.69 -33.13
N GLU B 317 -20.52 36.71 -32.95
CA GLU B 317 -19.81 37.95 -32.64
C GLU B 317 -19.98 38.97 -33.75
N ALA B 318 -20.37 38.51 -34.93
CA ALA B 318 -20.58 39.38 -36.07
C ALA B 318 -22.05 39.75 -36.20
N GLY B 319 -22.81 39.48 -35.15
CA GLY B 319 -24.24 39.79 -35.15
C GLY B 319 -25.02 39.00 -36.18
N THR B 320 -24.46 37.89 -36.66
CA THR B 320 -25.12 37.06 -37.65
C THR B 320 -25.01 35.57 -37.31
N PRO B 321 -25.82 35.09 -36.35
CA PRO B 321 -25.81 33.68 -35.95
C PRO B 321 -26.21 32.72 -37.07
N LEU B 322 -25.42 31.66 -37.21
CA LEU B 322 -25.65 30.65 -38.24
C LEU B 322 -26.90 29.82 -37.99
N THR B 323 -27.44 29.27 -39.07
CA THR B 323 -28.64 28.44 -39.01
C THR B 323 -28.29 27.01 -39.41
N ASP B 324 -28.91 26.04 -38.73
CA ASP B 324 -28.64 24.64 -39.01
C ASP B 324 -28.80 24.33 -40.50
N PRO B 325 -27.69 24.16 -41.22
CA PRO B 325 -27.73 23.87 -42.66
C PRO B 325 -28.30 22.50 -43.01
N LEU B 326 -28.60 21.70 -41.99
CA LEU B 326 -29.15 20.37 -42.19
C LEU B 326 -30.66 20.35 -41.96
N PHE B 327 -31.20 21.42 -41.39
CA PHE B 327 -32.63 21.47 -41.11
C PHE B 327 -33.50 21.57 -42.35
N ARG B 328 -34.36 20.56 -42.54
CA ARG B 328 -35.25 20.53 -43.70
C ARG B 328 -36.67 20.91 -43.31
N ARG B 329 -37.16 22.04 -43.82
CA ARG B 329 -38.52 22.49 -43.54
C ARG B 329 -39.51 21.56 -44.18
N GLU B 330 -40.48 21.12 -43.38
CA GLU B 330 -41.51 20.23 -43.86
C GLU B 330 -42.87 20.88 -43.66
N SER B 331 -42.90 21.91 -42.82
CA SER B 331 -44.13 22.63 -42.52
C SER B 331 -43.93 24.14 -42.60
N PRO B 332 -44.98 24.89 -43.01
CA PRO B 332 -44.92 26.35 -43.14
C PRO B 332 -44.47 26.93 -41.81
N ASP B 333 -44.87 26.20 -40.78
CA ASP B 333 -44.60 26.49 -39.38
C ASP B 333 -43.09 26.49 -39.07
N ASP B 334 -42.38 25.53 -39.65
CA ASP B 334 -40.95 25.34 -39.46
C ASP B 334 -40.03 26.54 -39.68
N GLU B 335 -39.05 26.67 -38.78
CA GLU B 335 -38.03 27.71 -38.85
C GLU B 335 -36.67 27.05 -38.55
N PRO B 336 -35.68 27.30 -39.40
CA PRO B 336 -34.35 26.70 -39.17
C PRO B 336 -33.83 27.12 -37.78
N PRO B 337 -33.41 26.14 -36.97
CA PRO B 337 -32.90 26.47 -35.64
C PRO B 337 -31.51 27.10 -35.70
N GLN B 338 -31.25 28.02 -34.79
CA GLN B 338 -29.95 28.70 -34.75
C GLN B 338 -28.90 27.71 -34.23
N LEU B 339 -27.76 27.64 -34.91
CA LEU B 339 -26.70 26.75 -34.47
C LEU B 339 -26.05 27.26 -33.19
N SER B 340 -25.44 26.36 -32.43
CA SER B 340 -24.73 26.73 -31.21
C SER B 340 -23.48 25.87 -31.15
N THR B 341 -22.48 26.31 -30.40
CA THR B 341 -21.25 25.54 -30.29
C THR B 341 -21.57 24.15 -29.75
N LEU B 342 -20.87 23.14 -30.28
CA LEU B 342 -21.08 21.78 -29.85
C LEU B 342 -20.10 21.39 -28.77
N PRO B 343 -20.58 20.63 -27.78
CA PRO B 343 -19.72 20.18 -26.68
C PRO B 343 -18.88 18.99 -27.07
N THR B 344 -17.73 18.84 -26.40
CA THR B 344 -16.87 17.70 -26.62
C THR B 344 -17.60 16.63 -25.81
N ILE B 345 -17.67 15.42 -26.36
CA ILE B 345 -18.38 14.35 -25.65
C ILE B 345 -17.45 13.22 -25.27
N VAL B 346 -17.53 12.81 -23.99
CA VAL B 346 -16.69 11.73 -23.51
C VAL B 346 -17.53 10.56 -22.99
N VAL B 347 -17.24 9.37 -23.49
CA VAL B 347 -17.94 8.16 -23.06
C VAL B 347 -16.96 7.40 -22.19
N VAL B 348 -17.32 7.22 -20.91
CA VAL B 348 -16.46 6.51 -19.98
C VAL B 348 -17.10 5.22 -19.49
N VAL B 349 -16.42 4.10 -19.69
CA VAL B 349 -16.92 2.81 -19.25
C VAL B 349 -16.05 2.35 -18.07
N ASP B 350 -16.65 2.22 -16.88
CA ASP B 350 -15.91 1.80 -15.69
C ASP B 350 -15.35 0.38 -15.84
N GLU B 351 -16.13 -0.49 -16.47
CA GLU B 351 -15.75 -1.88 -16.70
C GLU B 351 -16.44 -2.39 -17.96
N PHE B 352 -15.73 -2.47 -19.07
CA PHE B 352 -16.37 -2.94 -20.28
C PHE B 352 -16.17 -4.42 -20.55
N ALA B 353 -15.54 -5.11 -19.61
CA ALA B 353 -15.35 -6.55 -19.77
C ALA B 353 -16.75 -7.19 -19.79
N ASP B 354 -17.67 -6.61 -19.03
CA ASP B 354 -19.03 -7.12 -18.98
C ASP B 354 -19.73 -6.90 -20.33
N MET B 355 -19.66 -5.68 -20.85
CA MET B 355 -20.28 -5.40 -22.14
C MET B 355 -19.81 -6.43 -23.17
N MET B 356 -18.49 -6.59 -23.28
CA MET B 356 -17.90 -7.53 -24.21
C MET B 356 -18.37 -8.96 -23.96
N MET B 357 -19.01 -9.18 -22.80
CA MET B 357 -19.48 -10.52 -22.44
C MET B 357 -20.99 -10.68 -22.58
N ILE B 358 -21.75 -9.69 -22.11
CA ILE B 358 -23.20 -9.75 -22.19
C ILE B 358 -23.70 -9.57 -23.62
N VAL B 359 -23.25 -8.50 -24.29
CA VAL B 359 -23.68 -8.26 -25.65
C VAL B 359 -22.79 -9.05 -26.61
N GLY B 360 -21.51 -8.71 -26.63
CA GLY B 360 -20.59 -9.42 -27.50
C GLY B 360 -20.03 -8.67 -28.69
N LYS B 361 -20.07 -9.31 -29.85
CA LYS B 361 -19.55 -8.74 -31.09
C LYS B 361 -20.12 -7.40 -31.50
N LYS B 362 -21.40 -7.17 -31.21
CA LYS B 362 -22.00 -5.89 -31.56
C LYS B 362 -21.30 -4.77 -30.82
N VAL B 363 -20.90 -5.03 -29.58
CA VAL B 363 -20.20 -4.01 -28.80
C VAL B 363 -18.81 -3.76 -29.36
N GLU B 364 -18.10 -4.81 -29.78
CA GLU B 364 -16.76 -4.61 -30.35
C GLU B 364 -16.89 -3.66 -31.52
N GLU B 365 -17.79 -4.01 -32.43
CA GLU B 365 -18.07 -3.25 -33.64
C GLU B 365 -18.28 -1.76 -33.37
N LEU B 366 -19.20 -1.44 -32.47
CA LEU B 366 -19.48 -0.04 -32.13
C LEU B 366 -18.23 0.67 -31.60
N ILE B 367 -17.50 0.00 -30.70
CA ILE B 367 -16.29 0.57 -30.13
C ILE B 367 -15.26 0.84 -31.23
N ALA B 368 -15.06 -0.17 -32.08
CA ALA B 368 -14.11 -0.07 -33.18
C ALA B 368 -14.47 1.06 -34.14
N ARG B 369 -15.78 1.29 -34.34
CA ARG B 369 -16.20 2.35 -35.24
C ARG B 369 -15.99 3.73 -34.62
N ILE B 370 -16.35 3.87 -33.34
CA ILE B 370 -16.15 5.13 -32.63
C ILE B 370 -14.66 5.48 -32.63
N ALA B 371 -13.84 4.51 -32.25
CA ALA B 371 -12.40 4.70 -32.17
C ALA B 371 -11.80 5.17 -33.49
N GLN B 372 -12.21 4.53 -34.60
CA GLN B 372 -11.67 4.88 -35.90
C GLN B 372 -11.93 6.31 -36.38
N LYS B 373 -13.14 6.83 -36.19
CA LYS B 373 -13.42 8.18 -36.70
C LYS B 373 -14.13 9.24 -35.84
N ALA B 374 -14.25 9.04 -34.54
CA ALA B 374 -14.95 10.04 -33.73
C ALA B 374 -14.12 11.27 -33.34
N ARG B 375 -12.80 11.18 -33.43
CA ARG B 375 -11.93 12.28 -33.05
C ARG B 375 -12.34 13.63 -33.59
N ALA B 376 -12.42 13.72 -34.91
CA ALA B 376 -12.81 14.96 -35.57
C ALA B 376 -14.17 15.46 -35.05
N ALA B 377 -15.10 14.52 -34.82
CA ALA B 377 -16.43 14.85 -34.32
C ALA B 377 -16.40 15.26 -32.85
N GLY B 378 -15.21 15.22 -32.25
CA GLY B 378 -15.07 15.60 -30.85
C GLY B 378 -15.69 14.64 -29.87
N ILE B 379 -15.76 13.36 -30.21
CA ILE B 379 -16.33 12.33 -29.34
C ILE B 379 -15.19 11.42 -28.92
N HIS B 380 -14.99 11.28 -27.60
CA HIS B 380 -13.90 10.46 -27.11
C HIS B 380 -14.25 9.35 -26.12
N LEU B 381 -13.59 8.21 -26.30
CA LEU B 381 -13.81 7.05 -25.46
C LEU B 381 -12.76 6.85 -24.37
N ILE B 382 -13.21 6.45 -23.19
CA ILE B 382 -12.29 6.09 -22.12
C ILE B 382 -12.84 4.73 -21.69
N LEU B 383 -12.09 3.67 -22.00
CA LEU B 383 -12.52 2.31 -21.64
C LEU B 383 -11.58 1.75 -20.57
N ALA B 384 -12.12 1.41 -19.42
CA ALA B 384 -11.34 0.87 -18.32
C ALA B 384 -11.81 -0.55 -18.00
N THR B 385 -10.85 -1.43 -17.70
CA THR B 385 -11.17 -2.81 -17.35
C THR B 385 -10.25 -3.35 -16.27
N GLN B 386 -10.83 -4.13 -15.37
CA GLN B 386 -10.08 -4.72 -14.28
C GLN B 386 -9.72 -6.14 -14.70
N ARG B 387 -10.28 -6.59 -15.82
CA ARG B 387 -10.01 -7.93 -16.35
C ARG B 387 -9.37 -7.87 -17.74
N PRO B 388 -8.08 -7.50 -17.80
CA PRO B 388 -7.30 -7.38 -19.05
C PRO B 388 -7.04 -8.69 -19.79
N SER B 389 -8.04 -9.24 -20.44
CA SER B 389 -7.87 -10.47 -21.19
C SER B 389 -7.94 -10.20 -22.69
N VAL B 390 -7.42 -11.12 -23.48
CA VAL B 390 -7.44 -10.97 -24.93
C VAL B 390 -8.89 -11.03 -25.43
N ASP B 391 -9.77 -11.57 -24.58
CA ASP B 391 -11.18 -11.66 -24.93
C ASP B 391 -11.86 -10.31 -24.78
N VAL B 392 -11.27 -9.45 -23.93
CA VAL B 392 -11.81 -8.12 -23.66
C VAL B 392 -11.07 -7.04 -24.42
N ILE B 393 -9.75 -7.02 -24.29
CA ILE B 393 -8.93 -6.03 -24.99
C ILE B 393 -8.46 -6.70 -26.29
N THR B 394 -9.37 -6.84 -27.24
CA THR B 394 -9.07 -7.48 -28.51
C THR B 394 -8.24 -6.60 -29.41
N GLY B 395 -7.55 -7.23 -30.37
CA GLY B 395 -6.72 -6.49 -31.30
C GLY B 395 -7.54 -5.51 -32.11
N LEU B 396 -8.83 -5.81 -32.26
CA LEU B 396 -9.71 -4.93 -33.00
C LEU B 396 -9.81 -3.63 -32.23
N ILE B 397 -10.06 -3.74 -30.92
CA ILE B 397 -10.16 -2.56 -30.05
C ILE B 397 -8.85 -1.79 -30.06
N LYS B 398 -7.74 -2.49 -29.83
CA LYS B 398 -6.40 -1.88 -29.78
C LYS B 398 -5.88 -1.20 -31.04
N ALA B 399 -6.20 -1.74 -32.21
CA ALA B 399 -5.74 -1.16 -33.47
C ALA B 399 -6.08 0.33 -33.58
N ASN B 400 -7.23 0.72 -33.07
CA ASN B 400 -7.62 2.12 -33.16
C ASN B 400 -7.54 2.96 -31.87
N ILE B 401 -6.92 2.42 -30.84
CA ILE B 401 -6.76 3.15 -29.58
C ILE B 401 -5.31 2.95 -29.15
N PRO B 402 -4.40 3.78 -29.66
CA PRO B 402 -2.97 3.68 -29.32
C PRO B 402 -2.59 4.14 -27.91
N THR B 403 -3.36 5.06 -27.33
CA THR B 403 -3.05 5.55 -25.99
C THR B 403 -3.49 4.60 -24.89
N ARG B 404 -2.53 4.22 -24.05
CA ARG B 404 -2.80 3.27 -22.99
C ARG B 404 -2.33 3.71 -21.61
N ILE B 405 -3.03 3.23 -20.58
CA ILE B 405 -2.67 3.47 -19.20
C ILE B 405 -2.87 2.16 -18.48
N ALA B 406 -1.80 1.65 -17.90
CA ALA B 406 -1.85 0.41 -17.16
C ALA B 406 -1.43 0.64 -15.72
N PHE B 407 -2.35 0.39 -14.80
CA PHE B 407 -2.02 0.47 -13.38
C PHE B 407 -1.48 -0.93 -13.14
N GLN B 408 -1.23 -1.31 -11.89
CA GLN B 408 -0.67 -2.63 -11.62
C GLN B 408 -1.56 -3.77 -12.15
N VAL B 409 -0.96 -4.73 -12.83
CA VAL B 409 -1.71 -5.89 -13.35
C VAL B 409 -1.10 -7.15 -12.77
N SER B 410 -1.84 -8.26 -12.81
CA SER B 410 -1.38 -9.52 -12.24
C SER B 410 -0.29 -10.34 -12.94
N SER B 411 -0.07 -10.12 -14.23
CA SER B 411 0.95 -10.89 -14.93
C SER B 411 1.52 -10.17 -16.13
N LYS B 412 2.62 -10.68 -16.66
CA LYS B 412 3.25 -10.10 -17.83
C LYS B 412 2.31 -10.25 -19.00
N ILE B 413 1.59 -11.36 -19.01
CA ILE B 413 0.63 -11.61 -20.07
C ILE B 413 -0.41 -10.49 -20.06
N ASP B 414 -0.97 -10.21 -18.88
CA ASP B 414 -1.96 -9.15 -18.76
C ASP B 414 -1.37 -7.79 -19.14
N SER B 415 -0.07 -7.60 -18.90
CA SER B 415 0.59 -6.35 -19.23
C SER B 415 0.70 -6.17 -20.74
N ARG B 416 0.99 -7.26 -21.45
CA ARG B 416 1.11 -7.20 -22.89
C ARG B 416 -0.25 -6.93 -23.52
N THR B 417 -1.31 -7.54 -22.99
CA THR B 417 -2.64 -7.32 -23.55
C THR B 417 -3.00 -5.84 -23.58
N ILE B 418 -2.62 -5.10 -22.55
CA ILE B 418 -2.94 -3.68 -22.48
C ILE B 418 -1.90 -2.74 -23.09
N LEU B 419 -0.61 -3.02 -22.87
CA LEU B 419 0.46 -2.20 -23.42
C LEU B 419 1.22 -2.84 -24.58
N ASP B 420 0.90 -4.10 -24.92
CA ASP B 420 1.61 -4.80 -25.99
C ASP B 420 3.08 -4.85 -25.57
N GLN B 421 3.30 -4.82 -24.26
CA GLN B 421 4.63 -4.81 -23.69
C GLN B 421 4.53 -5.20 -22.21
N GLY B 422 5.62 -5.73 -21.66
CA GLY B 422 5.59 -6.13 -20.26
C GLY B 422 5.96 -4.99 -19.34
N GLY B 423 5.76 -5.18 -18.04
CA GLY B 423 6.12 -4.14 -17.10
C GLY B 423 5.05 -3.65 -16.13
N ALA B 424 3.79 -3.76 -16.53
CA ALA B 424 2.72 -3.31 -15.66
C ALA B 424 2.58 -4.27 -14.47
N GLU B 425 3.20 -5.44 -14.55
CA GLU B 425 3.15 -6.39 -13.47
C GLU B 425 4.15 -6.03 -12.39
N GLN B 426 5.05 -5.08 -12.69
CA GLN B 426 6.04 -4.69 -11.72
C GLN B 426 5.66 -3.43 -10.96
N LEU B 427 4.48 -2.89 -11.24
CA LEU B 427 4.01 -1.68 -10.59
C LEU B 427 3.64 -1.92 -9.12
N LEU B 428 3.59 -0.84 -8.34
CA LEU B 428 3.29 -0.91 -6.91
C LEU B 428 1.82 -1.02 -6.51
N GLY B 429 0.95 -0.37 -7.28
CA GLY B 429 -0.46 -0.38 -6.94
C GLY B 429 -0.72 1.00 -6.35
N HIS B 430 -1.91 1.23 -5.82
CA HIS B 430 -2.25 2.52 -5.24
C HIS B 430 -1.94 3.70 -6.17
N GLY B 431 -2.31 3.58 -7.43
CA GLY B 431 -2.08 4.70 -8.33
C GLY B 431 -0.89 4.64 -9.27
N ASP B 432 0.09 3.83 -8.91
CA ASP B 432 1.30 3.65 -9.73
C ASP B 432 0.85 3.16 -11.09
N MET B 433 1.35 3.78 -12.15
CA MET B 433 0.94 3.42 -13.50
C MET B 433 1.99 3.67 -14.58
N LEU B 434 1.78 3.02 -15.71
CA LEU B 434 2.62 3.18 -16.90
C LEU B 434 1.69 3.78 -17.95
N TYR B 435 2.03 4.99 -18.40
CA TYR B 435 1.26 5.73 -19.40
C TYR B 435 1.93 5.67 -20.77
N LEU B 436 1.20 5.21 -21.78
CA LEU B 436 1.74 5.11 -23.12
C LEU B 436 1.07 6.14 -24.02
N PRO B 437 1.71 7.30 -24.22
CA PRO B 437 1.10 8.31 -25.08
C PRO B 437 1.19 7.87 -26.54
N PRO B 438 0.42 8.51 -27.43
CA PRO B 438 0.41 8.19 -28.86
C PRO B 438 1.77 8.38 -29.51
N GLY B 439 2.03 7.59 -30.55
CA GLY B 439 3.27 7.66 -31.29
C GLY B 439 4.47 7.45 -30.41
N THR B 440 4.32 6.56 -29.43
CA THR B 440 5.39 6.28 -28.50
C THR B 440 5.46 4.79 -28.24
N GLY B 441 6.66 4.26 -28.21
CA GLY B 441 6.83 2.84 -27.98
C GLY B 441 7.01 2.50 -26.53
N LEU B 442 7.64 3.41 -25.79
CA LEU B 442 7.89 3.20 -24.39
C LEU B 442 7.01 4.06 -23.48
N PRO B 443 6.42 3.44 -22.46
CA PRO B 443 5.56 4.13 -21.51
C PRO B 443 6.38 4.91 -20.49
N ILE B 444 5.79 5.95 -19.92
CA ILE B 444 6.48 6.71 -18.89
C ILE B 444 5.77 6.36 -17.58
N ARG B 445 6.50 6.26 -16.49
CA ARG B 445 5.89 5.93 -15.22
C ARG B 445 5.26 7.19 -14.63
N VAL B 446 4.05 7.06 -14.13
CA VAL B 446 3.33 8.18 -13.54
C VAL B 446 2.73 7.71 -12.21
N HIS B 447 2.88 8.53 -11.18
CA HIS B 447 2.30 8.21 -9.88
C HIS B 447 0.96 8.91 -9.83
N GLY B 448 -0.11 8.17 -10.06
CA GLY B 448 -1.45 8.73 -10.08
C GLY B 448 -1.78 9.69 -8.95
N ALA B 449 -2.50 10.76 -9.29
CA ALA B 449 -2.91 11.75 -8.29
C ALA B 449 -4.06 11.15 -7.51
N PHE B 450 -4.03 11.31 -6.19
CA PHE B 450 -5.08 10.76 -5.33
C PHE B 450 -6.28 11.67 -5.09
N VAL B 451 -7.47 11.15 -5.38
CA VAL B 451 -8.70 11.87 -5.14
C VAL B 451 -9.66 10.90 -4.46
N SER B 452 -10.12 11.29 -3.28
CA SER B 452 -11.04 10.47 -2.49
C SER B 452 -12.48 10.56 -2.98
N ASP B 453 -13.23 9.50 -2.72
CA ASP B 453 -14.63 9.48 -3.11
C ASP B 453 -15.33 10.68 -2.49
N ASP B 454 -14.85 11.10 -1.33
CA ASP B 454 -15.45 12.24 -0.63
C ASP B 454 -15.20 13.54 -1.38
N GLU B 455 -14.01 13.69 -1.96
CA GLU B 455 -13.69 14.88 -2.72
C GLU B 455 -14.58 14.91 -3.97
N VAL B 456 -14.81 13.73 -4.54
CA VAL B 456 -15.68 13.57 -5.70
C VAL B 456 -17.10 13.99 -5.34
N HIS B 457 -17.52 13.64 -4.12
CA HIS B 457 -18.86 13.98 -3.65
C HIS B 457 -19.02 15.50 -3.56
N ARG B 458 -18.00 16.19 -3.06
CA ARG B 458 -18.06 17.65 -2.94
C ARG B 458 -18.19 18.31 -4.30
N VAL B 459 -17.30 17.95 -5.22
CA VAL B 459 -17.32 18.51 -6.57
C VAL B 459 -18.65 18.23 -7.25
N VAL B 460 -19.19 17.03 -7.04
CA VAL B 460 -20.46 16.67 -7.63
C VAL B 460 -21.55 17.60 -7.09
N GLU B 461 -21.55 17.82 -5.77
CA GLU B 461 -22.54 18.68 -5.16
C GLU B 461 -22.40 20.10 -5.68
N ALA B 462 -21.16 20.55 -5.86
CA ALA B 462 -20.92 21.90 -6.35
C ALA B 462 -21.49 22.07 -7.76
N TRP B 463 -21.50 20.99 -8.54
CA TRP B 463 -22.03 21.05 -9.89
C TRP B 463 -23.54 20.95 -9.92
N LYS B 464 -24.10 20.16 -9.02
CA LYS B 464 -25.55 20.00 -8.97
C LYS B 464 -26.22 21.29 -8.49
N LEU B 465 -25.42 22.23 -8.00
CA LEU B 465 -25.93 23.52 -7.55
C LEU B 465 -25.86 24.52 -8.67
N ARG B 466 -24.95 24.27 -9.61
CA ARG B 466 -24.78 25.15 -10.76
C ARG B 466 -25.66 24.78 -11.94
N GLY B 467 -26.27 23.61 -11.90
CA GLY B 467 -27.12 23.19 -13.00
C GLY B 467 -27.91 21.93 -12.72
N ALA B 468 -29.13 21.87 -13.24
CA ALA B 468 -30.00 20.71 -13.05
C ALA B 468 -29.67 19.65 -14.07
N PRO B 469 -30.04 18.39 -13.81
CA PRO B 469 -29.73 17.37 -14.80
C PRO B 469 -30.45 17.65 -16.13
N ASP B 470 -29.82 17.27 -17.23
CA ASP B 470 -30.38 17.48 -18.56
C ASP B 470 -30.27 16.21 -19.40
N TYR B 471 -30.90 15.14 -18.93
CA TYR B 471 -30.86 13.85 -19.63
C TYR B 471 -31.63 13.86 -20.94
N ILE B 472 -31.16 13.07 -21.89
CA ILE B 472 -31.79 12.96 -23.20
C ILE B 472 -32.32 11.53 -23.30
N GLU B 473 -33.59 11.33 -22.93
CA GLU B 473 -34.17 9.99 -22.97
C GLU B 473 -34.44 9.48 -24.37
N ASP B 474 -33.36 9.21 -25.07
CA ASP B 474 -33.41 8.69 -26.44
C ASP B 474 -32.10 7.97 -26.59
N ILE B 475 -31.11 8.42 -25.83
CA ILE B 475 -29.77 7.85 -25.85
C ILE B 475 -29.82 6.39 -25.42
N LEU B 476 -30.53 6.10 -24.33
CA LEU B 476 -30.62 4.73 -23.84
C LEU B 476 -31.78 3.99 -24.49
N ALA B 477 -32.74 4.75 -25.01
CA ALA B 477 -33.91 4.17 -25.66
C ALA B 477 -33.50 3.26 -26.79
N GLY B 478 -32.73 3.72 -27.67
#